data_4X2D
#
_entry.id   4X2D
#
_cell.length_a   158.080
_cell.length_b   60.100
_cell.length_c   124.830
_cell.angle_alpha   90.000
_cell.angle_beta   118.600
_cell.angle_gamma   90.000
#
_symmetry.space_group_name_H-M   'C 1 2 1'
#
loop_
_entity.id
_entity.type
_entity.pdbx_description
1 polymer 'Fic family protein putative filamentation induced by cAMP protein'
2 non-polymer 'MAGNESIUM ION'
3 non-polymer "ADENOSINE-5'-TRIPHOSPHATE"
4 water water
#
_entity_poly.entity_id   1
_entity_poly.type   'polypeptide(L)'
_entity_poly.pdbx_seq_one_letter_code
;MNNSFLDKLIETKELKNSLYNVLKHNFLYHANKIAGSTFTTEALALLLDKNVVTGRHTLDDVQETVNSSYVFDTVIDSLK
EKITHNFLRNLHSSLIFNTTLHSRGMAGIYKTIPNMILGTDVSIAQPFEVEPKLDELIEWYYSQSEVSIKVIAEFHYRFE
LIHPFQDGNGRIGRFVMLKQMLENNLPIKIVSWDSEDLYRNSLNSCSLGNYVPLIEYLSSLEDFREVYKMLWKLE
;
_entity_poly.pdbx_strand_id   A,B,C,D
#
# COMPACT_ATOMS: atom_id res chain seq x y z
N SER A 4 -22.20 -9.64 11.01
CA SER A 4 -23.19 -9.62 12.07
C SER A 4 -22.62 -10.19 13.36
N PHE A 5 -21.52 -10.91 13.24
CA PHE A 5 -20.79 -11.47 14.37
C PHE A 5 -20.32 -10.40 15.35
N LEU A 6 -19.76 -9.33 14.78
CA LEU A 6 -19.18 -8.24 15.54
C LEU A 6 -20.22 -7.50 16.39
N ASP A 7 -21.40 -7.29 15.82
CA ASP A 7 -22.46 -6.60 16.55
C ASP A 7 -22.88 -7.37 17.80
N LYS A 8 -23.08 -8.68 17.65
CA LYS A 8 -23.44 -9.54 18.77
C LYS A 8 -22.33 -9.60 19.81
N LEU A 9 -21.08 -9.70 19.33
CA LEU A 9 -19.91 -9.65 20.21
C LEU A 9 -19.98 -8.41 21.09
N ILE A 10 -20.29 -7.28 20.46
CA ILE A 10 -20.39 -6.00 21.16
C ILE A 10 -21.56 -5.96 22.15
N GLU A 11 -22.67 -6.62 21.83
CA GLU A 11 -23.87 -6.50 22.65
C GLU A 11 -23.82 -7.32 23.95
N THR A 12 -22.74 -8.04 24.18
CA THR A 12 -22.54 -8.74 25.45
C THR A 12 -21.34 -8.23 26.23
N LYS A 13 -20.92 -7.02 25.90
CA LYS A 13 -19.67 -6.48 26.41
C LYS A 13 -19.78 -6.10 27.87
N ASN A 17 -21.68 -15.30 31.56
CA ASN A 17 -21.15 -15.97 30.37
C ASN A 17 -21.69 -15.30 29.11
N SER A 18 -20.82 -15.12 28.12
CA SER A 18 -21.14 -14.38 26.90
C SER A 18 -20.07 -14.59 25.85
N LEU A 19 -20.47 -14.55 24.59
CA LEU A 19 -19.55 -14.67 23.45
C LEU A 19 -18.27 -13.82 23.64
N TYR A 20 -18.45 -12.60 24.14
CA TYR A 20 -17.33 -11.73 24.43
C TYR A 20 -16.37 -12.33 25.45
N ASN A 21 -16.92 -12.84 26.54
CA ASN A 21 -16.10 -13.39 27.61
C ASN A 21 -15.40 -14.68 27.16
N VAL A 22 -16.04 -15.43 26.29
CA VAL A 22 -15.40 -16.61 25.72
C VAL A 22 -14.22 -16.24 24.83
N LEU A 23 -14.43 -15.28 23.92
CA LEU A 23 -13.35 -14.84 23.04
C LEU A 23 -12.18 -14.30 23.85
N LYS A 24 -12.50 -13.44 24.82
CA LYS A 24 -11.51 -12.85 25.72
C LYS A 24 -10.75 -13.91 26.51
N HIS A 25 -11.48 -14.83 27.13
CA HIS A 25 -10.81 -15.85 27.94
C HIS A 25 -9.90 -16.72 27.11
N ASN A 26 -10.38 -17.15 25.94
CA ASN A 26 -9.59 -18.04 25.08
C ASN A 26 -8.34 -17.34 24.55
N PHE A 27 -8.56 -16.14 24.00
CA PHE A 27 -7.48 -15.37 23.43
C PHE A 27 -6.43 -15.08 24.49
N LEU A 28 -6.87 -14.56 25.63
CA LEU A 28 -5.94 -14.16 26.68
C LEU A 28 -5.21 -15.36 27.26
N TYR A 29 -5.91 -16.48 27.40
CA TYR A 29 -5.27 -17.67 27.91
C TYR A 29 -4.11 -18.08 27.03
N HIS A 30 -4.36 -18.21 25.73
CA HIS A 30 -3.31 -18.69 24.83
C HIS A 30 -2.19 -17.65 24.63
N ALA A 31 -2.58 -16.41 24.44
CA ALA A 31 -1.61 -15.35 24.20
C ALA A 31 -0.68 -15.17 25.40
N ASN A 32 -1.26 -15.20 26.60
CA ASN A 32 -0.46 -15.03 27.80
C ASN A 32 0.40 -16.25 28.08
N LYS A 33 -0.14 -17.44 27.83
CA LYS A 33 0.64 -18.65 28.09
C LYS A 33 1.85 -18.73 27.16
N ILE A 34 1.67 -18.31 25.91
CA ILE A 34 2.80 -18.26 24.98
C ILE A 34 3.85 -17.29 25.53
N ALA A 35 3.41 -16.23 26.20
CA ALA A 35 4.33 -15.24 26.76
C ALA A 35 4.93 -15.69 28.09
N GLY A 36 4.51 -16.86 28.58
CA GLY A 36 5.11 -17.43 29.76
C GLY A 36 4.27 -17.42 31.02
N SER A 37 3.03 -16.94 30.91
CA SER A 37 2.13 -16.90 32.06
C SER A 37 1.82 -18.31 32.58
N THR A 38 1.65 -18.43 33.89
CA THR A 38 1.36 -19.73 34.48
C THR A 38 -0.10 -19.85 34.93
N PHE A 39 -0.95 -18.91 34.54
CA PHE A 39 -2.37 -19.02 34.84
C PHE A 39 -2.98 -20.17 34.06
N THR A 40 -3.59 -21.12 34.77
CA THR A 40 -4.39 -22.15 34.13
C THR A 40 -5.67 -21.52 33.62
N THR A 41 -6.44 -22.27 32.85
CA THR A 41 -7.70 -21.77 32.31
C THR A 41 -8.68 -21.43 33.45
N GLU A 42 -8.72 -22.28 34.48
CA GLU A 42 -9.59 -22.06 35.62
C GLU A 42 -9.15 -20.83 36.40
N ALA A 43 -7.85 -20.69 36.62
CA ALA A 43 -7.31 -19.57 37.36
C ALA A 43 -7.55 -18.26 36.62
N LEU A 44 -7.39 -18.28 35.30
CA LEU A 44 -7.63 -17.07 34.52
C LEU A 44 -9.11 -16.71 34.56
N ALA A 45 -9.97 -17.71 34.43
CA ALA A 45 -11.40 -17.45 34.49
C ALA A 45 -11.76 -16.80 35.84
N LEU A 46 -11.20 -17.35 36.92
CA LEU A 46 -11.47 -16.86 38.26
C LEU A 46 -10.98 -15.43 38.42
N LEU A 47 -9.81 -15.14 37.86
CA LEU A 47 -9.24 -13.80 37.92
C LEU A 47 -10.10 -12.78 37.16
N LEU A 48 -10.49 -13.14 35.94
CA LEU A 48 -11.27 -12.24 35.09
C LEU A 48 -12.67 -12.00 35.66
N ASP A 49 -13.28 -13.05 36.19
CA ASP A 49 -14.66 -12.95 36.65
C ASP A 49 -14.81 -12.40 38.07
N LYS A 50 -13.92 -12.80 38.97
CA LYS A 50 -14.05 -12.44 40.39
C LYS A 50 -12.85 -11.70 41.00
N ASN A 51 -11.87 -11.36 40.17
CA ASN A 51 -10.66 -10.68 40.65
C ASN A 51 -9.93 -11.42 41.77
N VAL A 52 -9.89 -12.75 41.68
CA VAL A 52 -9.20 -13.56 42.68
C VAL A 52 -8.03 -14.29 42.03
N VAL A 53 -6.88 -14.22 42.70
CA VAL A 53 -5.68 -14.88 42.22
C VAL A 53 -5.48 -16.23 42.92
N THR A 54 -5.26 -17.27 42.14
CA THR A 54 -4.94 -18.59 42.67
C THR A 54 -3.78 -19.15 41.87
N GLY A 55 -3.05 -20.08 42.47
CA GLY A 55 -1.90 -20.71 41.84
C GLY A 55 -0.62 -19.99 42.18
N ARG A 56 0.47 -20.41 41.56
CA ARG A 56 1.78 -19.79 41.81
C ARG A 56 2.22 -18.93 40.63
N HIS A 57 2.46 -17.66 40.90
CA HIS A 57 2.80 -16.70 39.86
C HIS A 57 3.78 -15.65 40.35
N THR A 58 4.61 -15.17 39.44
CA THR A 58 5.40 -13.98 39.73
C THR A 58 4.44 -12.80 39.77
N LEU A 59 4.83 -11.74 40.48
CA LEU A 59 4.05 -10.51 40.50
C LEU A 59 3.83 -9.98 39.09
N ASP A 60 4.87 -10.06 38.27
CA ASP A 60 4.79 -9.61 36.89
C ASP A 60 3.73 -10.40 36.14
N ASP A 61 3.67 -11.71 36.38
CA ASP A 61 2.67 -12.54 35.70
C ASP A 61 1.24 -12.11 36.09
N VAL A 62 1.01 -11.90 37.39
CA VAL A 62 -0.29 -11.45 37.91
C VAL A 62 -0.71 -10.11 37.29
N GLN A 63 0.19 -9.14 37.42
CA GLN A 63 -0.07 -7.80 36.95
C GLN A 63 -0.24 -7.75 35.43
N GLU A 64 0.58 -8.49 34.70
CA GLU A 64 0.48 -8.47 33.24
C GLU A 64 -0.78 -9.18 32.76
N THR A 65 -1.21 -10.22 33.48
CA THR A 65 -2.45 -10.88 33.10
C THR A 65 -3.61 -9.90 33.25
N VAL A 66 -3.65 -9.25 34.43
CA VAL A 66 -4.65 -8.22 34.69
C VAL A 66 -4.61 -7.13 33.61
N ASN A 67 -3.41 -6.65 33.28
CA ASN A 67 -3.24 -5.65 32.23
C ASN A 67 -3.80 -6.14 30.89
N SER A 68 -3.54 -7.41 30.59
CA SER A 68 -3.93 -7.98 29.30
C SER A 68 -5.43 -7.93 29.19
N SER A 69 -6.12 -8.03 30.32
CA SER A 69 -7.58 -7.89 30.27
C SER A 69 -8.01 -6.49 29.76
N TYR A 70 -7.38 -5.46 30.32
CA TYR A 70 -7.64 -4.08 29.94
C TYR A 70 -7.27 -3.83 28.48
N VAL A 71 -6.12 -4.37 28.06
CA VAL A 71 -5.66 -4.20 26.70
C VAL A 71 -6.65 -4.83 25.72
N PHE A 72 -7.15 -6.02 26.06
CA PHE A 72 -8.17 -6.66 25.24
C PHE A 72 -9.38 -5.73 25.09
N ASP A 73 -9.85 -5.19 26.23
CA ASP A 73 -10.99 -4.27 26.17
C ASP A 73 -10.71 -3.07 25.25
N THR A 74 -9.52 -2.52 25.37
CA THR A 74 -9.13 -1.37 24.54
C THR A 74 -9.17 -1.74 23.07
N VAL A 75 -8.64 -2.91 22.74
CA VAL A 75 -8.59 -3.36 21.36
C VAL A 75 -10.00 -3.46 20.82
N ILE A 76 -10.92 -4.01 21.60
CA ILE A 76 -12.29 -4.12 21.11
C ILE A 76 -12.96 -2.76 20.97
N ASP A 77 -12.70 -1.86 21.92
CA ASP A 77 -13.28 -0.52 21.90
C ASP A 77 -12.74 0.32 20.74
N SER A 78 -11.53 0.01 20.29
CA SER A 78 -10.87 0.83 19.28
C SER A 78 -10.96 0.21 17.89
N LEU A 79 -11.90 -0.71 17.69
CA LEU A 79 -12.07 -1.33 16.38
C LEU A 79 -12.39 -0.29 15.29
N LYS A 80 -11.78 -0.49 14.13
CA LYS A 80 -11.88 0.36 12.93
C LYS A 80 -10.99 1.58 13.06
N GLU A 81 -10.37 1.78 14.21
CA GLU A 81 -9.45 2.88 14.38
C GLU A 81 -8.07 2.50 13.84
N LYS A 82 -7.34 3.51 13.39
CA LYS A 82 -6.06 3.32 12.73
C LYS A 82 -4.94 2.84 13.64
N ILE A 83 -4.20 1.84 13.19
CA ILE A 83 -2.95 1.47 13.84
C ILE A 83 -1.96 2.60 13.63
N THR A 84 -1.55 3.25 14.71
CA THR A 84 -0.56 4.32 14.66
C THR A 84 0.57 3.98 15.63
N HIS A 85 1.63 4.80 15.64
CA HIS A 85 2.70 4.58 16.60
C HIS A 85 2.17 4.74 18.02
N ASN A 86 1.37 5.78 18.25
CA ASN A 86 0.82 6.04 19.57
C ASN A 86 -0.18 5.00 20.04
N PHE A 87 -0.95 4.47 19.11
CA PHE A 87 -1.87 3.38 19.45
C PHE A 87 -1.08 2.20 20.00
N LEU A 88 -0.02 1.83 19.28
CA LEU A 88 0.84 0.70 19.66
C LEU A 88 1.57 0.94 20.97
N ARG A 89 2.07 2.16 21.16
CA ARG A 89 2.78 2.52 22.38
C ARG A 89 1.84 2.52 23.57
N ASN A 90 0.58 2.89 23.36
CA ASN A 90 -0.40 2.87 24.43
C ASN A 90 -0.77 1.46 24.80
N LEU A 91 -0.90 0.58 23.81
CA LEU A 91 -1.15 -0.83 24.11
C LEU A 91 -0.02 -1.39 24.97
N HIS A 92 1.22 -1.08 24.56
CA HIS A 92 2.37 -1.58 25.31
C HIS A 92 2.35 -1.05 26.75
N SER A 93 2.08 0.24 26.86
CA SER A 93 2.02 0.95 28.12
C SER A 93 1.00 0.32 29.07
N SER A 94 -0.20 0.02 28.55
CA SER A 94 -1.22 -0.65 29.35
C SER A 94 -0.79 -2.05 29.75
N LEU A 95 -0.13 -2.75 28.82
CA LEU A 95 0.24 -4.14 29.04
C LEU A 95 1.30 -4.31 30.11
N ILE A 96 2.27 -3.40 30.17
CA ILE A 96 3.34 -3.58 31.15
C ILE A 96 3.20 -2.67 32.36
N PHE A 97 2.07 -1.97 32.45
CA PHE A 97 1.81 -1.10 33.59
C PHE A 97 2.01 -1.82 34.92
N ASN A 98 2.68 -1.14 35.86
CA ASN A 98 2.93 -1.67 37.20
C ASN A 98 3.73 -2.98 37.21
N THR A 99 4.73 -3.07 36.35
CA THR A 99 5.64 -4.23 36.33
C THR A 99 7.08 -3.83 36.57
N THR A 100 7.98 -4.81 36.59
CA THR A 100 9.39 -4.55 36.78
C THR A 100 10.03 -4.01 35.49
N LEU A 101 9.20 -3.57 34.54
CA LEU A 101 9.71 -3.01 33.29
C LEU A 101 9.15 -1.59 33.18
N HIS A 102 8.22 -1.27 34.08
CA HIS A 102 7.61 0.06 34.09
C HIS A 102 8.73 0.99 34.50
N SER A 103 9.50 0.54 35.49
CA SER A 103 10.74 1.16 35.90
C SER A 103 11.86 0.18 35.52
N ARG A 104 12.73 0.49 34.56
CA ARG A 104 12.89 1.81 33.94
C ARG A 104 11.77 2.19 32.98
N GLY A 105 11.54 3.49 32.85
CA GLY A 105 10.51 4.01 31.97
C GLY A 105 10.60 3.51 30.53
N MET A 106 10.40 2.21 30.37
CA MET A 106 10.36 1.58 29.05
C MET A 106 8.90 1.40 28.65
N ALA A 107 8.04 2.22 29.26
CA ALA A 107 6.60 2.17 29.03
C ALA A 107 6.04 3.54 28.65
N GLY A 108 5.43 3.65 27.48
CA GLY A 108 5.43 2.57 26.49
C GLY A 108 6.29 3.06 25.35
N ILE A 109 7.55 2.63 25.34
CA ILE A 109 8.55 3.20 24.45
C ILE A 109 9.23 2.14 23.60
N TYR A 110 9.55 2.50 22.36
CA TYR A 110 10.34 1.64 21.49
C TYR A 110 11.72 1.39 22.09
N LYS A 111 12.29 0.24 21.77
CA LYS A 111 13.57 -0.16 22.34
C LYS A 111 14.67 0.85 22.05
N THR A 112 15.54 1.06 23.03
CA THR A 112 16.69 1.92 22.87
C THR A 112 17.95 1.08 22.73
N ILE A 113 17.86 -0.16 23.18
CA ILE A 113 18.98 -1.08 23.17
C ILE A 113 18.55 -2.31 22.37
N PRO A 114 19.47 -2.88 21.56
CA PRO A 114 19.14 -4.06 20.76
C PRO A 114 18.56 -5.20 21.59
N ASN A 115 17.52 -5.83 21.07
CA ASN A 115 16.98 -7.03 21.70
C ASN A 115 17.08 -8.24 20.77
N MET A 116 16.49 -9.36 21.18
CA MET A 116 16.55 -10.57 20.40
C MET A 116 15.37 -11.49 20.71
N ILE A 117 15.07 -12.36 19.76
CA ILE A 117 14.15 -13.47 19.95
C ILE A 117 15.02 -14.71 20.01
N LEU A 118 15.02 -15.44 21.13
CA LEU A 118 15.87 -16.61 21.16
C LEU A 118 15.09 -17.85 20.76
N GLY A 119 15.81 -18.84 20.26
CA GLY A 119 15.22 -19.92 19.50
C GLY A 119 15.60 -19.67 18.05
N THR A 120 16.25 -18.53 17.84
CA THR A 120 16.71 -18.13 16.51
C THR A 120 17.84 -17.10 16.59
N ASP A 121 18.59 -16.98 15.50
CA ASP A 121 19.63 -15.97 15.38
C ASP A 121 19.32 -15.01 14.24
N VAL A 122 18.04 -14.96 13.86
CA VAL A 122 17.55 -14.08 12.79
C VAL A 122 17.83 -12.61 13.12
N SER A 123 18.01 -11.80 12.08
CA SER A 123 18.35 -10.40 12.26
C SER A 123 17.13 -9.56 12.65
N ILE A 124 17.12 -9.09 13.90
CA ILE A 124 16.09 -8.19 14.38
C ILE A 124 16.46 -6.76 13.99
N ALA A 125 15.44 -5.92 13.76
CA ALA A 125 15.65 -4.50 13.54
C ALA A 125 16.45 -3.87 14.68
N GLN A 126 17.42 -3.03 14.32
CA GLN A 126 18.14 -2.23 15.30
C GLN A 126 17.17 -1.15 15.81
N PRO A 127 17.43 -0.62 17.01
CA PRO A 127 16.57 0.43 17.57
C PRO A 127 16.34 1.60 16.60
N PHE A 128 17.40 2.13 15.99
CA PHE A 128 17.27 3.28 15.11
C PHE A 128 16.36 3.00 13.90
N GLU A 129 16.17 1.73 13.58
CA GLU A 129 15.35 1.38 12.43
C GLU A 129 13.89 1.17 12.78
N VAL A 130 13.57 1.12 14.07
CA VAL A 130 12.21 0.76 14.47
C VAL A 130 11.13 1.69 13.93
N GLU A 131 11.25 2.99 14.17
CA GLU A 131 10.23 3.93 13.75
C GLU A 131 10.05 3.96 12.22
N PRO A 132 11.16 4.06 11.45
CA PRO A 132 10.94 4.08 9.99
C PRO A 132 10.31 2.80 9.43
N LYS A 133 10.81 1.64 9.82
CA LYS A 133 10.27 0.40 9.28
C LYS A 133 8.81 0.26 9.63
N LEU A 134 8.47 0.66 10.84
CA LEU A 134 7.10 0.55 11.32
C LEU A 134 6.22 1.44 10.43
N ASP A 135 6.70 2.64 10.07
CA ASP A 135 5.88 3.48 9.21
C ASP A 135 5.69 2.78 7.88
N GLU A 136 6.78 2.21 7.39
CA GLU A 136 6.73 1.56 6.10
C GLU A 136 5.74 0.41 6.21
N LEU A 137 5.74 -0.26 7.36
CA LEU A 137 4.82 -1.36 7.54
C LEU A 137 3.38 -0.87 7.59
N ILE A 138 3.14 0.18 8.38
CA ILE A 138 1.76 0.64 8.56
C ILE A 138 1.23 1.16 7.24
N GLU A 139 2.06 1.98 6.59
CA GLU A 139 1.68 2.54 5.30
C GLU A 139 1.41 1.39 4.33
N TRP A 140 2.20 0.33 4.43
CA TRP A 140 1.97 -0.83 3.57
C TRP A 140 0.62 -1.46 3.86
N TYR A 141 0.31 -1.63 5.13
CA TYR A 141 -0.90 -2.35 5.52
C TYR A 141 -2.16 -1.68 5.01
N TYR A 142 -2.22 -0.35 5.13
CA TYR A 142 -3.40 0.37 4.72
C TYR A 142 -3.40 0.62 3.21
N SER A 143 -2.32 0.23 2.52
CA SER A 143 -2.28 0.33 1.06
C SER A 143 -2.98 -0.85 0.41
N GLN A 144 -3.16 -1.93 1.17
CA GLN A 144 -3.77 -3.14 0.61
C GLN A 144 -5.24 -2.90 0.27
N SER A 145 -5.63 -3.31 -0.92
CA SER A 145 -6.99 -3.12 -1.40
C SER A 145 -7.96 -3.98 -0.59
N GLU A 146 -7.51 -5.18 -0.27
CA GLU A 146 -8.28 -6.09 0.54
C GLU A 146 -7.41 -6.73 1.60
N VAL A 147 -7.84 -6.65 2.85
CA VAL A 147 -7.08 -7.25 3.94
C VAL A 147 -7.46 -8.72 4.04
N SER A 148 -6.46 -9.58 3.92
CA SER A 148 -6.68 -11.02 3.99
C SER A 148 -5.87 -11.62 5.13
N ILE A 149 -6.08 -12.92 5.38
CA ILE A 149 -5.26 -13.64 6.34
C ILE A 149 -3.80 -13.59 5.90
N LYS A 150 -3.56 -13.58 4.59
CA LYS A 150 -2.20 -13.48 4.07
C LYS A 150 -1.57 -12.13 4.41
N VAL A 151 -2.34 -11.06 4.22
CA VAL A 151 -1.88 -9.71 4.55
C VAL A 151 -1.55 -9.64 6.03
N ILE A 152 -2.46 -10.17 6.85
CA ILE A 152 -2.29 -10.16 8.31
C ILE A 152 -1.09 -11.00 8.76
N ALA A 153 -0.86 -12.13 8.12
CA ALA A 153 0.29 -12.98 8.43
C ALA A 153 1.60 -12.25 8.11
N GLU A 154 1.66 -11.61 6.94
CA GLU A 154 2.86 -10.86 6.57
C GLU A 154 3.10 -9.71 7.55
N PHE A 155 2.03 -9.01 7.90
CA PHE A 155 2.11 -7.94 8.88
C PHE A 155 2.65 -8.47 10.21
N HIS A 156 2.14 -9.62 10.63
CA HIS A 156 2.55 -10.22 11.89
C HIS A 156 4.05 -10.55 11.90
N TYR A 157 4.49 -11.24 10.85
CA TYR A 157 5.88 -11.62 10.77
C TYR A 157 6.79 -10.40 10.75
N ARG A 158 6.46 -9.43 9.90
CA ARG A 158 7.33 -8.25 9.76
C ARG A 158 7.36 -7.46 11.06
N PHE A 159 6.21 -7.31 11.70
CA PHE A 159 6.14 -6.65 12.99
C PHE A 159 7.03 -7.35 14.02
N GLU A 160 6.96 -8.67 14.08
CA GLU A 160 7.78 -9.40 15.03
C GLU A 160 9.27 -9.29 14.69
N LEU A 161 9.61 -9.19 13.40
CA LEU A 161 11.00 -9.06 12.98
C LEU A 161 11.53 -7.69 13.36
N ILE A 162 10.65 -6.69 13.30
CA ILE A 162 10.98 -5.36 13.80
C ILE A 162 11.20 -5.39 15.32
N HIS A 163 10.28 -6.05 16.01
CA HIS A 163 10.36 -6.26 17.46
C HIS A 163 10.58 -4.91 18.15
N PRO A 164 9.60 -3.99 18.04
CA PRO A 164 9.78 -2.59 18.43
C PRO A 164 9.98 -2.30 19.91
N PHE A 165 9.44 -3.15 20.77
CA PHE A 165 9.51 -2.95 22.22
C PHE A 165 10.54 -3.89 22.84
N GLN A 166 11.05 -3.52 24.02
CA GLN A 166 12.04 -4.35 24.68
C GLN A 166 11.42 -5.69 25.08
N ASP A 167 10.16 -5.67 25.49
CA ASP A 167 9.43 -6.89 25.80
C ASP A 167 7.95 -6.68 25.47
N GLY A 168 7.17 -7.76 25.47
CA GLY A 168 5.74 -7.70 25.14
C GLY A 168 5.41 -7.65 23.66
N ASN A 169 6.39 -7.91 22.82
CA ASN A 169 6.20 -7.88 21.37
C ASN A 169 5.24 -8.96 20.88
N GLY A 170 5.34 -10.17 21.44
CA GLY A 170 4.45 -11.26 21.05
C GLY A 170 2.99 -10.96 21.30
N ARG A 171 2.68 -10.53 22.51
CA ARG A 171 1.31 -10.24 22.92
C ARG A 171 0.72 -9.07 22.13
N ILE A 172 1.48 -7.99 22.01
CA ILE A 172 1.01 -6.85 21.26
C ILE A 172 0.77 -7.19 19.79
N GLY A 173 1.69 -7.97 19.22
CA GLY A 173 1.53 -8.42 17.85
C GLY A 173 0.25 -9.24 17.70
N ARG A 174 0.01 -10.17 18.61
CA ARG A 174 -1.18 -11.01 18.49
C ARG A 174 -2.48 -10.23 18.75
N PHE A 175 -2.41 -9.24 19.64
CA PHE A 175 -3.52 -8.32 19.84
C PHE A 175 -3.87 -7.61 18.54
N VAL A 176 -2.84 -7.08 17.87
CA VAL A 176 -3.05 -6.35 16.62
C VAL A 176 -3.62 -7.27 15.56
N MET A 177 -3.13 -8.51 15.53
CA MET A 177 -3.63 -9.51 14.60
C MET A 177 -5.13 -9.75 14.82
N LEU A 178 -5.52 -9.89 16.09
CA LEU A 178 -6.93 -10.08 16.43
C LEU A 178 -7.76 -8.89 15.97
N LYS A 179 -7.25 -7.69 16.27
CA LYS A 179 -7.85 -6.45 15.81
C LYS A 179 -8.11 -6.43 14.31
N GLN A 180 -7.10 -6.81 13.52
CA GLN A 180 -7.22 -6.78 12.07
C GLN A 180 -8.28 -7.78 11.57
N MET A 181 -8.30 -8.94 12.20
CA MET A 181 -9.28 -9.96 11.85
C MET A 181 -10.70 -9.48 12.14
N LEU A 182 -10.89 -8.89 13.31
CA LEU A 182 -12.20 -8.40 13.71
C LEU A 182 -12.65 -7.25 12.81
N GLU A 183 -11.73 -6.35 12.51
CA GLU A 183 -12.04 -5.18 11.71
C GLU A 183 -12.38 -5.52 10.26
N ASN A 184 -11.91 -6.65 9.78
CA ASN A 184 -12.15 -6.94 8.36
C ASN A 184 -13.07 -8.13 8.12
N ASN A 185 -13.84 -8.50 9.13
CA ASN A 185 -14.78 -9.63 9.05
C ASN A 185 -14.13 -10.88 8.48
N LEU A 186 -12.90 -11.14 8.92
CA LEU A 186 -12.15 -12.33 8.51
C LEU A 186 -12.33 -13.42 9.56
N PRO A 187 -12.03 -14.67 9.20
CA PRO A 187 -12.04 -15.74 10.20
C PRO A 187 -11.17 -15.39 11.40
N ILE A 188 -11.68 -15.65 12.60
CA ILE A 188 -10.93 -15.35 13.81
C ILE A 188 -10.06 -16.54 14.18
N LYS A 189 -8.76 -16.42 13.88
CA LYS A 189 -7.83 -17.48 14.20
C LYS A 189 -7.02 -17.10 15.42
N ILE A 190 -7.22 -17.85 16.49
CA ILE A 190 -6.57 -17.59 17.78
C ILE A 190 -5.32 -18.43 17.87
N VAL A 191 -4.16 -17.78 17.84
CA VAL A 191 -2.89 -18.48 18.01
C VAL A 191 -2.85 -19.21 19.34
N SER A 192 -2.75 -20.54 19.30
CA SER A 192 -2.87 -21.32 20.52
C SER A 192 -1.54 -21.88 21.01
N TRP A 193 -1.42 -22.01 22.33
CA TRP A 193 -0.24 -22.61 22.92
C TRP A 193 -0.30 -24.10 22.64
N ASP A 194 0.86 -24.74 22.45
CA ASP A 194 0.91 -26.18 22.34
C ASP A 194 2.32 -26.66 22.67
N SER A 195 2.44 -27.92 23.09
CA SER A 195 3.72 -28.48 23.52
C SER A 195 4.79 -28.50 22.42
N GLU A 196 4.36 -28.43 21.16
CA GLU A 196 5.30 -28.50 20.04
C GLU A 196 5.81 -27.15 19.49
N ASP A 197 5.33 -26.02 20.00
CA ASP A 197 5.69 -24.70 19.43
C ASP A 197 5.44 -24.58 17.93
N LEU A 198 4.25 -24.95 17.49
CA LEU A 198 3.92 -24.87 16.07
C LEU A 198 3.87 -23.41 15.58
N TYR A 199 3.38 -22.52 16.41
CA TYR A 199 3.35 -21.09 16.08
C TYR A 199 4.77 -20.55 15.90
N ARG A 200 5.62 -20.81 16.88
CA ARG A 200 7.00 -20.34 16.85
C ARG A 200 7.75 -20.96 15.67
N ASN A 201 7.53 -22.25 15.44
CA ASN A 201 8.22 -22.93 14.35
C ASN A 201 7.76 -22.44 12.99
N SER A 202 6.47 -22.11 12.87
CA SER A 202 5.94 -21.55 11.63
C SER A 202 6.57 -20.19 11.40
N LEU A 203 6.75 -19.44 12.49
CA LEU A 203 7.44 -18.17 12.41
C LEU A 203 8.87 -18.34 11.93
N ASN A 204 9.54 -19.37 12.45
CA ASN A 204 10.93 -19.60 12.13
C ASN A 204 11.15 -20.20 10.75
N SER A 205 10.11 -20.80 10.19
CA SER A 205 10.18 -21.30 8.82
C SER A 205 9.98 -20.14 7.84
N CYS A 206 9.33 -19.08 8.31
CA CYS A 206 9.12 -17.88 7.50
C CYS A 206 10.40 -17.09 7.28
N SER A 207 10.38 -16.26 6.25
CA SER A 207 11.41 -15.27 6.01
C SER A 207 10.76 -14.09 5.30
N LEU A 208 11.45 -12.97 5.23
CA LEU A 208 10.93 -11.82 4.50
C LEU A 208 10.71 -12.19 3.03
N GLY A 209 9.45 -12.11 2.61
CA GLY A 209 9.08 -12.49 1.25
C GLY A 209 8.48 -13.88 1.22
N ASN A 210 8.56 -14.60 2.34
CA ASN A 210 7.98 -15.92 2.46
C ASN A 210 7.24 -16.12 3.79
N TYR A 211 5.91 -16.06 3.72
CA TYR A 211 5.07 -16.14 4.92
C TYR A 211 4.13 -17.35 4.86
N VAL A 212 4.40 -18.27 3.93
CA VAL A 212 3.55 -19.44 3.75
C VAL A 212 3.46 -20.35 4.98
N PRO A 213 4.58 -20.58 5.70
CA PRO A 213 4.43 -21.38 6.92
C PRO A 213 3.44 -20.80 7.93
N LEU A 214 3.46 -19.48 8.09
CA LEU A 214 2.53 -18.82 9.01
C LEU A 214 1.10 -18.85 8.50
N ILE A 215 0.93 -18.65 7.19
CA ILE A 215 -0.39 -18.71 6.56
C ILE A 215 -1.00 -20.10 6.74
N GLU A 216 -0.18 -21.13 6.55
CA GLU A 216 -0.62 -22.51 6.73
C GLU A 216 -0.94 -22.80 8.19
N TYR A 217 -0.11 -22.27 9.09
CA TYR A 217 -0.38 -22.44 10.52
C TYR A 217 -1.72 -21.82 10.89
N LEU A 218 -1.94 -20.58 10.45
CA LEU A 218 -3.18 -19.87 10.75
C LEU A 218 -4.37 -20.61 10.17
N SER A 219 -4.19 -21.15 8.97
CA SER A 219 -5.22 -21.94 8.31
C SER A 219 -5.53 -23.22 9.08
N SER A 220 -4.52 -23.76 9.75
CA SER A 220 -4.68 -25.01 10.51
C SER A 220 -5.49 -24.77 11.76
N LEU A 221 -5.57 -23.52 12.19
CA LEU A 221 -6.33 -23.16 13.37
C LEU A 221 -7.81 -23.12 13.02
N GLU A 222 -8.66 -23.50 13.97
CA GLU A 222 -10.10 -23.44 13.77
C GLU A 222 -10.57 -22.00 13.80
N ASP A 223 -11.65 -21.72 13.08
CA ASP A 223 -12.24 -20.39 13.12
C ASP A 223 -13.11 -20.25 14.35
N PHE A 224 -12.72 -19.34 15.24
CA PHE A 224 -13.45 -19.11 16.48
C PHE A 224 -14.93 -18.80 16.20
N ARG A 225 -15.18 -18.05 15.13
CA ARG A 225 -16.54 -17.62 14.79
C ARG A 225 -17.47 -18.81 14.57
N GLU A 226 -16.94 -19.87 13.94
CA GLU A 226 -17.74 -21.06 13.67
C GLU A 226 -17.83 -22.01 14.87
N VAL A 227 -16.75 -22.10 15.64
CA VAL A 227 -16.72 -22.98 16.81
C VAL A 227 -17.82 -22.62 17.80
N TYR A 228 -18.03 -21.33 17.98
CA TYR A 228 -19.03 -20.83 18.93
C TYR A 228 -20.20 -20.17 18.22
N LYS A 229 -20.58 -20.74 17.07
CA LYS A 229 -21.70 -20.23 16.29
C LYS A 229 -23.00 -20.28 17.08
N MET A 230 -23.08 -21.23 18.01
CA MET A 230 -24.25 -21.38 18.87
C MET A 230 -24.50 -20.12 19.69
N LEU A 231 -23.43 -19.41 20.02
CA LEU A 231 -23.52 -18.19 20.82
C LEU A 231 -24.06 -16.97 20.08
N TRP A 232 -23.86 -16.89 18.76
CA TRP A 232 -24.33 -15.70 18.03
C TRP A 232 -25.32 -16.03 16.91
N LYS A 233 -24.97 -16.93 16.00
CA LYS A 233 -25.92 -17.29 14.94
C LYS A 233 -27.25 -17.79 15.49
N SER B 4 3.30 -21.44 -17.44
CA SER B 4 3.83 -22.06 -18.64
C SER B 4 3.17 -21.48 -19.87
N PHE B 5 2.02 -20.85 -19.64
CA PHE B 5 1.29 -20.14 -20.69
C PHE B 5 2.17 -19.05 -21.27
N LEU B 6 2.85 -18.35 -20.36
CA LEU B 6 3.69 -17.23 -20.72
C LEU B 6 4.88 -17.63 -21.60
N ASP B 7 5.55 -18.73 -21.27
CA ASP B 7 6.66 -19.20 -22.11
C ASP B 7 6.22 -19.60 -23.51
N LYS B 8 5.06 -20.27 -23.59
CA LYS B 8 4.52 -20.63 -24.88
C LYS B 8 4.20 -19.40 -25.72
N LEU B 9 3.55 -18.43 -25.06
CA LEU B 9 3.22 -17.17 -25.67
C LEU B 9 4.45 -16.50 -26.25
N ILE B 10 5.49 -16.38 -25.45
CA ILE B 10 6.71 -15.70 -25.87
C ILE B 10 7.45 -16.44 -26.97
N GLU B 11 7.54 -17.76 -26.86
CA GLU B 11 8.40 -18.51 -27.76
C GLU B 11 7.78 -19.16 -29.00
N THR B 12 6.48 -19.06 -29.23
CA THR B 12 5.99 -19.56 -30.52
C THR B 12 5.38 -18.50 -31.43
N LYS B 13 5.72 -17.24 -31.20
CA LYS B 13 5.03 -16.12 -31.81
C LYS B 13 5.24 -16.03 -33.31
N GLU B 14 6.40 -16.47 -33.78
CA GLU B 14 6.79 -16.29 -35.16
C GLU B 14 6.05 -17.19 -36.14
N LEU B 15 5.41 -18.25 -35.64
CA LEU B 15 4.67 -19.17 -36.51
C LEU B 15 3.15 -18.99 -36.44
N LYS B 16 2.47 -19.08 -37.58
CA LYS B 16 1.03 -19.08 -37.59
C LYS B 16 0.41 -20.45 -37.28
N ASN B 17 -0.74 -20.44 -36.61
CA ASN B 17 -1.18 -19.28 -35.87
C ASN B 17 -0.91 -19.40 -34.36
N SER B 18 0.25 -18.85 -34.02
CA SER B 18 0.76 -18.83 -32.66
C SER B 18 -0.28 -18.39 -31.63
N LEU B 19 -0.19 -18.94 -30.42
CA LEU B 19 -0.97 -18.46 -29.30
C LEU B 19 -0.88 -16.93 -29.28
N TYR B 20 0.30 -16.44 -29.59
CA TYR B 20 0.58 -15.01 -29.66
C TYR B 20 -0.31 -14.28 -30.64
N ASN B 21 -0.41 -14.80 -31.87
CA ASN B 21 -1.22 -14.13 -32.89
C ASN B 21 -2.71 -14.23 -32.60
N VAL B 22 -3.13 -15.33 -31.99
CA VAL B 22 -4.53 -15.45 -31.59
C VAL B 22 -4.86 -14.41 -30.51
N LEU B 23 -4.01 -14.33 -29.49
CA LEU B 23 -4.20 -13.36 -28.41
C LEU B 23 -4.21 -11.94 -28.97
N LYS B 24 -3.22 -11.65 -29.80
CA LYS B 24 -3.06 -10.34 -30.41
C LYS B 24 -4.28 -9.94 -31.23
N HIS B 25 -4.75 -10.85 -32.08
CA HIS B 25 -5.88 -10.56 -32.95
C HIS B 25 -7.13 -10.30 -32.11
N ASN B 26 -7.36 -11.13 -31.09
CA ASN B 26 -8.54 -10.99 -30.22
C ASN B 26 -8.55 -9.68 -29.43
N PHE B 27 -7.43 -9.46 -28.75
CA PHE B 27 -7.27 -8.29 -27.91
C PHE B 27 -7.39 -7.04 -28.73
N LEU B 28 -6.64 -6.98 -29.83
CA LEU B 28 -6.64 -5.78 -30.65
C LEU B 28 -7.99 -5.55 -31.28
N TYR B 29 -8.65 -6.63 -31.69
CA TYR B 29 -9.96 -6.47 -32.32
C TYR B 29 -10.91 -5.78 -31.36
N HIS B 30 -11.06 -6.34 -30.15
CA HIS B 30 -12.02 -5.75 -29.24
C HIS B 30 -11.59 -4.37 -28.73
N ALA B 31 -10.32 -4.24 -28.36
CA ALA B 31 -9.83 -2.95 -27.85
C ALA B 31 -9.97 -1.82 -28.89
N ASN B 32 -9.63 -2.13 -30.14
CA ASN B 32 -9.74 -1.12 -31.20
C ASN B 32 -11.18 -0.82 -31.55
N LYS B 33 -12.02 -1.84 -31.56
CA LYS B 33 -13.43 -1.63 -31.89
C LYS B 33 -14.10 -0.78 -30.84
N ILE B 34 -13.77 -1.00 -29.57
CA ILE B 34 -14.34 -0.17 -28.52
C ILE B 34 -13.90 1.29 -28.69
N ALA B 35 -12.66 1.47 -29.14
CA ALA B 35 -12.14 2.82 -29.35
C ALA B 35 -12.67 3.43 -30.66
N GLY B 36 -13.46 2.65 -31.40
CA GLY B 36 -14.16 3.13 -32.58
C GLY B 36 -13.71 2.65 -33.95
N SER B 37 -12.75 1.73 -34.00
CA SER B 37 -12.26 1.22 -35.27
C SER B 37 -13.34 0.47 -36.05
N THR B 38 -13.29 0.55 -37.38
CA THR B 38 -14.28 -0.10 -38.22
C THR B 38 -13.72 -1.36 -38.89
N PHE B 39 -12.54 -1.78 -38.45
CA PHE B 39 -11.95 -3.02 -38.92
C PHE B 39 -12.73 -4.25 -38.48
N THR B 40 -13.17 -5.06 -39.44
CA THR B 40 -13.70 -6.38 -39.11
C THR B 40 -12.56 -7.30 -38.72
N THR B 41 -12.90 -8.47 -38.19
CA THR B 41 -11.91 -9.45 -37.76
C THR B 41 -11.05 -9.93 -38.92
N GLU B 42 -11.67 -10.16 -40.09
CA GLU B 42 -10.91 -10.58 -41.26
C GLU B 42 -9.99 -9.47 -41.74
N ALA B 43 -10.49 -8.24 -41.78
CA ALA B 43 -9.68 -7.13 -42.26
C ALA B 43 -8.49 -6.90 -41.33
N LEU B 44 -8.73 -7.05 -40.03
CA LEU B 44 -7.68 -6.90 -39.04
C LEU B 44 -6.64 -8.00 -39.24
N ALA B 45 -7.11 -9.23 -39.44
CA ALA B 45 -6.20 -10.34 -39.68
C ALA B 45 -5.34 -10.08 -40.92
N LEU B 46 -5.96 -9.61 -41.99
CA LEU B 46 -5.26 -9.37 -43.24
C LEU B 46 -4.21 -8.28 -43.04
N LEU B 47 -4.57 -7.25 -42.29
CA LEU B 47 -3.65 -6.16 -42.01
C LEU B 47 -2.45 -6.62 -41.18
N LEU B 48 -2.72 -7.38 -40.12
CA LEU B 48 -1.68 -7.88 -39.21
C LEU B 48 -0.75 -8.89 -39.88
N ASP B 49 -1.32 -9.76 -40.69
CA ASP B 49 -0.58 -10.86 -41.29
C ASP B 49 0.14 -10.49 -42.58
N LYS B 50 -0.50 -9.68 -43.42
CA LYS B 50 0.03 -9.36 -44.74
C LYS B 50 0.19 -7.88 -45.05
N ASN B 51 -0.06 -7.01 -44.08
CA ASN B 51 0.03 -5.56 -44.28
C ASN B 51 -0.84 -5.06 -45.42
N VAL B 52 -2.03 -5.63 -45.55
CA VAL B 52 -2.97 -5.21 -46.57
C VAL B 52 -4.21 -4.62 -45.92
N VAL B 53 -4.62 -3.45 -46.42
CA VAL B 53 -5.82 -2.77 -45.93
C VAL B 53 -7.03 -3.03 -46.82
N THR B 54 -8.13 -3.41 -46.20
CA THR B 54 -9.39 -3.60 -46.91
C THR B 54 -10.53 -2.97 -46.11
N GLY B 55 -11.61 -2.65 -46.81
CA GLY B 55 -12.77 -2.04 -46.19
C GLY B 55 -12.74 -0.54 -46.26
N ARG B 56 -13.67 0.11 -45.58
CA ARG B 56 -13.73 1.56 -45.56
C ARG B 56 -13.24 2.09 -44.22
N HIS B 57 -12.20 2.91 -44.25
CA HIS B 57 -11.61 3.41 -43.01
C HIS B 57 -11.09 4.82 -43.18
N THR B 58 -11.15 5.60 -42.11
CA THR B 58 -10.47 6.86 -42.05
C THR B 58 -8.98 6.54 -41.97
N LEU B 59 -8.15 7.49 -42.41
CA LEU B 59 -6.71 7.37 -42.31
C LEU B 59 -6.29 7.17 -40.85
N ASP B 60 -6.94 7.92 -39.96
CA ASP B 60 -6.66 7.79 -38.53
C ASP B 60 -6.94 6.38 -38.05
N ASP B 61 -8.03 5.79 -38.51
CA ASP B 61 -8.35 4.42 -38.11
C ASP B 61 -7.27 3.44 -38.57
N VAL B 62 -6.84 3.55 -39.83
CA VAL B 62 -5.79 2.68 -40.38
C VAL B 62 -4.50 2.79 -39.59
N GLN B 63 -4.04 4.03 -39.43
CA GLN B 63 -2.79 4.28 -38.74
C GLN B 63 -2.85 3.85 -37.28
N GLU B 64 -3.97 4.11 -36.61
CA GLU B 64 -4.10 3.74 -35.20
C GLU B 64 -4.16 2.24 -35.03
N THR B 65 -4.74 1.53 -35.99
CA THR B 65 -4.75 0.08 -35.93
C THR B 65 -3.30 -0.43 -36.06
N VAL B 66 -2.59 0.05 -37.08
CA VAL B 66 -1.18 -0.33 -37.27
C VAL B 66 -0.35 -0.04 -36.01
N ASN B 67 -0.52 1.16 -35.47
CA ASN B 67 0.16 1.56 -34.25
C ASN B 67 -0.18 0.63 -33.09
N SER B 68 -1.45 0.24 -32.98
CA SER B 68 -1.86 -0.60 -31.87
C SER B 68 -1.16 -1.94 -31.99
N SER B 69 -0.88 -2.35 -33.23
CA SER B 69 -0.12 -3.58 -33.43
C SER B 69 1.30 -3.42 -32.84
N TYR B 70 1.94 -2.30 -33.16
CA TYR B 70 3.27 -2.06 -32.62
C TYR B 70 3.27 -1.97 -31.08
N VAL B 71 2.26 -1.29 -30.53
CA VAL B 71 2.14 -1.14 -29.09
C VAL B 71 1.93 -2.47 -28.36
N PHE B 72 1.08 -3.33 -28.93
CA PHE B 72 0.89 -4.66 -28.40
C PHE B 72 2.22 -5.38 -28.31
N ASP B 73 2.96 -5.35 -29.42
CA ASP B 73 4.27 -5.99 -29.44
C ASP B 73 5.18 -5.43 -28.34
N THR B 74 5.17 -4.12 -28.16
CA THR B 74 5.97 -3.50 -27.10
C THR B 74 5.58 -3.99 -25.70
N VAL B 75 4.28 -4.06 -25.45
CA VAL B 75 3.77 -4.48 -24.14
C VAL B 75 4.18 -5.92 -23.83
N ILE B 76 4.09 -6.80 -24.82
CA ILE B 76 4.52 -8.18 -24.59
C ILE B 76 6.04 -8.26 -24.43
N ASP B 77 6.77 -7.49 -25.22
CA ASP B 77 8.23 -7.48 -25.14
C ASP B 77 8.77 -6.88 -23.85
N SER B 78 7.99 -5.99 -23.23
CA SER B 78 8.47 -5.27 -22.05
C SER B 78 7.85 -5.80 -20.77
N LEU B 79 7.33 -7.02 -20.82
CA LEU B 79 6.76 -7.67 -19.64
C LEU B 79 7.81 -7.75 -18.55
N LYS B 80 7.34 -7.59 -17.31
CA LYS B 80 8.14 -7.57 -16.08
C LYS B 80 8.75 -6.19 -15.80
N GLU B 81 8.64 -5.25 -16.73
CA GLU B 81 9.16 -3.92 -16.48
C GLU B 81 8.10 -3.06 -15.76
N LYS B 82 8.57 -2.13 -14.94
CA LYS B 82 7.73 -1.28 -14.11
C LYS B 82 6.89 -0.27 -14.89
N ILE B 83 5.61 -0.20 -14.55
CA ILE B 83 4.74 0.85 -15.07
C ILE B 83 5.14 2.20 -14.49
N THR B 84 5.60 3.11 -15.34
CA THR B 84 5.90 4.47 -14.91
C THR B 84 5.10 5.43 -15.78
N HIS B 85 5.11 6.71 -15.44
CA HIS B 85 4.38 7.70 -16.20
C HIS B 85 4.96 7.78 -17.62
N ASN B 86 6.28 7.79 -17.68
CA ASN B 86 7.02 7.86 -18.94
C ASN B 86 6.86 6.60 -19.79
N PHE B 87 6.76 5.46 -19.13
CA PHE B 87 6.51 4.19 -19.82
C PHE B 87 5.19 4.33 -20.58
N LEU B 88 4.18 4.84 -19.86
CA LEU B 88 2.85 5.06 -20.39
C LEU B 88 2.88 6.10 -21.52
N ARG B 89 3.71 7.13 -21.36
CA ARG B 89 3.80 8.15 -22.40
C ARG B 89 4.41 7.57 -23.66
N ASN B 90 5.34 6.63 -23.52
CA ASN B 90 5.90 6.02 -24.72
C ASN B 90 4.88 5.13 -25.43
N LEU B 91 4.12 4.38 -24.64
CA LEU B 91 3.04 3.58 -25.24
C LEU B 91 2.06 4.48 -26.01
N HIS B 92 1.67 5.57 -25.36
CA HIS B 92 0.73 6.53 -25.93
C HIS B 92 1.28 7.19 -27.20
N SER B 93 2.54 7.59 -27.17
CA SER B 93 3.22 8.19 -28.31
C SER B 93 3.18 7.25 -29.51
N SER B 94 3.49 5.98 -29.27
CA SER B 94 3.42 4.99 -30.33
C SER B 94 1.99 4.81 -30.83
N LEU B 95 1.03 4.90 -29.93
CA LEU B 95 -0.37 4.67 -30.27
C LEU B 95 -0.94 5.76 -31.18
N ILE B 96 -0.53 7.00 -30.95
CA ILE B 96 -1.07 8.12 -31.70
C ILE B 96 -0.13 8.60 -32.81
N PHE B 97 0.96 7.88 -33.04
CA PHE B 97 1.92 8.21 -34.08
C PHE B 97 1.26 8.41 -35.45
N ASN B 98 1.66 9.47 -36.13
CA ASN B 98 1.21 9.77 -37.49
C ASN B 98 -0.32 9.88 -37.58
N THR B 99 -0.94 10.44 -36.55
CA THR B 99 -2.38 10.70 -36.56
C THR B 99 -2.61 12.19 -36.31
N THR B 100 -3.86 12.62 -36.31
CA THR B 100 -4.19 14.02 -36.10
C THR B 100 -4.01 14.39 -34.62
N LEU B 101 -2.84 14.05 -34.08
CA LEU B 101 -2.49 14.32 -32.68
C LEU B 101 -0.99 14.52 -32.52
N PHE B 128 -3.18 19.01 -14.92
CA PHE B 128 -2.17 19.46 -13.98
C PHE B 128 -2.13 18.56 -12.74
N GLU B 129 -3.23 17.86 -12.49
CA GLU B 129 -3.34 16.97 -11.35
C GLU B 129 -2.90 15.55 -11.70
N VAL B 130 -2.61 15.34 -12.98
CA VAL B 130 -2.30 14.01 -13.51
C VAL B 130 -1.12 13.31 -12.82
N GLU B 131 0.02 13.99 -12.72
CA GLU B 131 1.24 13.37 -12.19
C GLU B 131 1.11 12.83 -10.75
N PRO B 132 0.57 13.64 -9.80
CA PRO B 132 0.47 13.10 -8.44
C PRO B 132 -0.46 11.90 -8.35
N LYS B 133 -1.62 11.98 -8.99
CA LYS B 133 -2.59 10.89 -8.97
C LYS B 133 -2.04 9.63 -9.61
N LEU B 134 -1.32 9.80 -10.71
CA LEU B 134 -0.73 8.67 -11.39
C LEU B 134 0.37 8.01 -10.57
N ASP B 135 1.26 8.80 -9.98
CA ASP B 135 2.31 8.22 -9.16
C ASP B 135 1.74 7.54 -7.93
N GLU B 136 0.72 8.14 -7.33
CA GLU B 136 0.06 7.54 -6.18
C GLU B 136 -0.58 6.21 -6.56
N LEU B 137 -1.16 6.18 -7.75
CA LEU B 137 -1.79 4.97 -8.26
C LEU B 137 -0.76 3.87 -8.47
N ILE B 138 0.37 4.22 -9.06
CA ILE B 138 1.43 3.26 -9.34
C ILE B 138 2.02 2.72 -8.03
N GLU B 139 2.31 3.61 -7.08
CA GLU B 139 2.84 3.15 -5.78
C GLU B 139 1.84 2.23 -5.11
N TRP B 140 0.56 2.56 -5.23
CA TRP B 140 -0.47 1.72 -4.67
C TRP B 140 -0.45 0.35 -5.32
N TYR B 141 -0.31 0.33 -6.65
CA TYR B 141 -0.33 -0.93 -7.38
C TYR B 141 0.83 -1.82 -6.95
N TYR B 142 2.03 -1.26 -6.88
CA TYR B 142 3.19 -2.08 -6.53
C TYR B 142 3.36 -2.32 -5.04
N SER B 143 2.54 -1.67 -4.22
CA SER B 143 2.59 -1.93 -2.78
C SER B 143 1.75 -3.16 -2.46
N GLN B 144 0.91 -3.58 -3.41
CA GLN B 144 0.02 -4.72 -3.19
C GLN B 144 0.81 -6.00 -3.07
N SER B 145 0.50 -6.77 -2.03
CA SER B 145 1.18 -8.04 -1.78
C SER B 145 0.82 -9.09 -2.81
N GLU B 146 -0.45 -9.11 -3.21
CA GLU B 146 -0.91 -10.06 -4.21
C GLU B 146 -1.78 -9.31 -5.22
N VAL B 147 -1.41 -9.41 -6.49
CA VAL B 147 -2.17 -8.76 -7.55
C VAL B 147 -3.30 -9.67 -7.98
N SER B 148 -4.53 -9.20 -7.87
CA SER B 148 -5.68 -9.98 -8.27
C SER B 148 -6.46 -9.26 -9.35
N ILE B 149 -7.47 -9.91 -9.90
CA ILE B 149 -8.38 -9.28 -10.84
C ILE B 149 -9.08 -8.07 -10.20
N LYS B 150 -9.35 -8.16 -8.90
CA LYS B 150 -9.98 -7.06 -8.19
C LYS B 150 -9.06 -5.83 -8.18
N VAL B 151 -7.79 -6.08 -7.92
CA VAL B 151 -6.77 -5.03 -7.92
C VAL B 151 -6.65 -4.38 -9.29
N ILE B 152 -6.58 -5.20 -10.33
CA ILE B 152 -6.43 -4.72 -11.70
C ILE B 152 -7.67 -3.92 -12.12
N ALA B 153 -8.85 -4.37 -11.70
CA ALA B 153 -10.08 -3.65 -12.00
C ALA B 153 -10.08 -2.27 -11.34
N GLU B 154 -9.68 -2.23 -10.08
CA GLU B 154 -9.62 -0.95 -9.38
C GLU B 154 -8.62 -0.02 -10.05
N PHE B 155 -7.48 -0.57 -10.44
CA PHE B 155 -6.46 0.17 -11.14
C PHE B 155 -7.04 0.74 -12.44
N HIS B 156 -7.81 -0.07 -13.16
CA HIS B 156 -8.37 0.34 -14.43
C HIS B 156 -9.30 1.53 -14.22
N TYR B 157 -10.22 1.40 -13.28
CA TYR B 157 -11.16 2.49 -13.03
C TYR B 157 -10.45 3.77 -12.62
N ARG B 158 -9.51 3.64 -11.69
CA ARG B 158 -8.81 4.82 -11.19
C ARG B 158 -8.01 5.48 -12.32
N PHE B 159 -7.35 4.67 -13.15
CA PHE B 159 -6.62 5.15 -14.31
C PHE B 159 -7.55 5.92 -15.26
N GLU B 160 -8.72 5.37 -15.51
CA GLU B 160 -9.68 6.04 -16.38
C GLU B 160 -10.22 7.33 -15.77
N LEU B 161 -10.35 7.38 -14.45
CA LEU B 161 -10.83 8.58 -13.78
C LEU B 161 -9.77 9.67 -13.80
N ILE B 162 -8.51 9.27 -13.62
CA ILE B 162 -7.37 10.17 -13.73
C ILE B 162 -7.25 10.69 -15.16
N HIS B 163 -7.39 9.78 -16.13
CA HIS B 163 -7.40 10.11 -17.55
C HIS B 163 -6.19 10.93 -18.02
N PRO B 164 -4.98 10.36 -17.92
CA PRO B 164 -3.74 11.09 -18.16
C PRO B 164 -3.56 11.56 -19.60
N PHE B 165 -4.12 10.86 -20.57
CA PHE B 165 -3.96 11.26 -21.96
C PHE B 165 -5.27 11.81 -22.53
N GLN B 166 -5.16 12.71 -23.49
CA GLN B 166 -6.36 13.28 -24.11
C GLN B 166 -7.11 12.27 -24.99
N ASP B 167 -6.37 11.38 -25.65
CA ASP B 167 -6.98 10.34 -26.47
C ASP B 167 -6.23 9.02 -26.29
N GLY B 168 -6.90 7.91 -26.58
CA GLY B 168 -6.30 6.60 -26.38
C GLY B 168 -6.26 6.04 -24.95
N ASN B 169 -6.92 6.70 -24.01
CA ASN B 169 -6.89 6.25 -22.61
C ASN B 169 -7.49 4.88 -22.38
N GLY B 170 -8.62 4.61 -23.01
CA GLY B 170 -9.25 3.32 -22.90
C GLY B 170 -8.28 2.26 -23.37
N ARG B 171 -7.70 2.50 -24.54
CA ARG B 171 -6.76 1.56 -25.13
C ARG B 171 -5.50 1.38 -24.28
N ILE B 172 -4.91 2.50 -23.84
CA ILE B 172 -3.71 2.40 -22.99
C ILE B 172 -4.01 1.64 -21.70
N GLY B 173 -5.15 1.96 -21.10
CA GLY B 173 -5.61 1.31 -19.89
C GLY B 173 -5.79 -0.17 -20.09
N ARG B 174 -6.38 -0.57 -21.21
CA ARG B 174 -6.59 -1.99 -21.48
C ARG B 174 -5.28 -2.70 -21.75
N PHE B 175 -4.33 -2.00 -22.38
CA PHE B 175 -2.99 -2.54 -22.55
C PHE B 175 -2.37 -2.84 -21.17
N VAL B 176 -2.45 -1.86 -20.28
CA VAL B 176 -1.87 -1.98 -18.94
C VAL B 176 -2.54 -3.12 -18.18
N MET B 177 -3.84 -3.24 -18.37
CA MET B 177 -4.61 -4.31 -17.77
C MET B 177 -4.10 -5.68 -18.25
N LEU B 178 -3.90 -5.83 -19.55
CA LEU B 178 -3.37 -7.08 -20.10
C LEU B 178 -1.97 -7.40 -19.59
N LYS B 179 -1.11 -6.39 -19.58
CA LYS B 179 0.23 -6.50 -19.02
C LYS B 179 0.18 -7.02 -17.58
N GLN B 180 -0.68 -6.41 -16.77
CA GLN B 180 -0.83 -6.77 -15.36
C GLN B 180 -1.33 -8.19 -15.21
N MET B 181 -2.24 -8.60 -16.09
CA MET B 181 -2.73 -9.98 -16.05
C MET B 181 -1.62 -10.98 -16.38
N LEU B 182 -0.87 -10.69 -17.44
CA LEU B 182 0.21 -11.59 -17.87
C LEU B 182 1.34 -11.70 -16.84
N GLU B 183 1.73 -10.58 -16.26
CA GLU B 183 2.85 -10.55 -15.32
C GLU B 183 2.58 -11.33 -14.04
N ASN B 184 1.31 -11.52 -13.70
CA ASN B 184 0.96 -12.14 -12.42
C ASN B 184 0.27 -13.49 -12.52
N ASN B 185 0.37 -14.14 -13.68
CA ASN B 185 -0.24 -15.45 -13.91
C ASN B 185 -1.72 -15.48 -13.52
N LEU B 186 -2.43 -14.41 -13.88
CA LEU B 186 -3.87 -14.33 -13.63
C LEU B 186 -4.63 -14.74 -14.88
N PRO B 187 -5.92 -15.09 -14.73
CA PRO B 187 -6.75 -15.37 -15.91
C PRO B 187 -6.71 -14.21 -16.90
N ILE B 188 -6.58 -14.52 -18.18
CA ILE B 188 -6.56 -13.49 -19.19
C ILE B 188 -7.98 -13.18 -19.65
N LYS B 189 -8.52 -12.07 -19.16
CA LYS B 189 -9.87 -11.65 -19.53
C LYS B 189 -9.79 -10.50 -20.53
N ILE B 190 -10.27 -10.74 -21.74
CA ILE B 190 -10.22 -9.76 -22.80
C ILE B 190 -11.50 -8.93 -22.83
N VAL B 191 -11.38 -7.65 -22.50
CA VAL B 191 -12.52 -6.75 -22.59
C VAL B 191 -13.08 -6.73 -24.01
N SER B 192 -14.34 -7.14 -24.15
CA SER B 192 -14.93 -7.32 -25.46
C SER B 192 -15.95 -6.23 -25.79
N TRP B 193 -16.04 -5.90 -27.08
CA TRP B 193 -17.07 -5.01 -27.57
C TRP B 193 -18.37 -5.82 -27.58
N ASP B 194 -19.50 -5.16 -27.36
CA ASP B 194 -20.78 -5.85 -27.50
C ASP B 194 -21.89 -4.84 -27.79
N SER B 195 -23.02 -5.34 -28.31
CA SER B 195 -24.13 -4.45 -28.67
C SER B 195 -24.72 -3.70 -27.47
N GLU B 196 -24.52 -4.22 -26.27
CA GLU B 196 -25.04 -3.56 -25.06
C GLU B 196 -24.06 -2.61 -24.37
N ASP B 197 -22.81 -2.55 -24.83
CA ASP B 197 -21.78 -1.72 -24.19
C ASP B 197 -21.63 -2.06 -22.72
N LEU B 198 -21.51 -3.35 -22.43
CA LEU B 198 -21.37 -3.81 -21.06
C LEU B 198 -20.12 -3.31 -20.36
N TYR B 199 -19.01 -3.22 -21.08
CA TYR B 199 -17.76 -2.72 -20.51
C TYR B 199 -17.87 -1.27 -20.05
N ARG B 200 -18.33 -0.42 -20.96
CA ARG B 200 -18.46 1.00 -20.68
C ARG B 200 -19.45 1.24 -19.55
N ASN B 201 -20.55 0.51 -19.59
CA ASN B 201 -21.60 0.66 -18.59
C ASN B 201 -21.14 0.17 -17.23
N SER B 202 -20.33 -0.88 -17.23
CA SER B 202 -19.79 -1.40 -15.97
C SER B 202 -18.86 -0.39 -15.34
N LEU B 203 -18.02 0.26 -16.17
CA LEU B 203 -17.18 1.34 -15.65
C LEU B 203 -17.97 2.52 -15.13
N ASN B 204 -19.02 2.89 -15.84
CA ASN B 204 -19.78 4.06 -15.44
C ASN B 204 -20.65 3.76 -14.22
N SER B 205 -20.87 2.48 -13.94
CA SER B 205 -21.57 2.09 -12.73
C SER B 205 -20.63 2.14 -11.53
N CYS B 206 -19.33 2.03 -11.81
CA CYS B 206 -18.30 2.11 -10.78
C CYS B 206 -18.15 3.53 -10.23
N SER B 207 -17.56 3.62 -9.05
CA SER B 207 -17.19 4.91 -8.45
C SER B 207 -15.96 4.70 -7.57
N LEU B 208 -15.35 5.80 -7.11
CA LEU B 208 -14.22 5.68 -6.18
C LEU B 208 -14.66 4.93 -4.95
N GLY B 209 -14.05 3.77 -4.70
CA GLY B 209 -14.42 2.95 -3.57
C GLY B 209 -15.35 1.83 -3.95
N ASN B 210 -15.85 1.87 -5.19
CA ASN B 210 -16.75 0.83 -5.70
C ASN B 210 -16.41 0.36 -7.10
N TYR B 211 -15.84 -0.83 -7.21
CA TYR B 211 -15.41 -1.36 -8.50
C TYR B 211 -16.13 -2.67 -8.84
N VAL B 212 -17.17 -2.97 -8.06
CA VAL B 212 -17.90 -4.23 -8.22
C VAL B 212 -18.54 -4.43 -9.60
N PRO B 213 -19.14 -3.38 -10.20
CA PRO B 213 -19.64 -3.60 -11.56
C PRO B 213 -18.56 -4.09 -12.54
N LEU B 214 -17.35 -3.52 -12.45
CA LEU B 214 -16.25 -3.93 -13.32
C LEU B 214 -15.69 -5.32 -12.96
N ILE B 215 -15.59 -5.60 -11.67
CA ILE B 215 -15.11 -6.91 -11.22
C ILE B 215 -16.05 -8.00 -11.73
N GLU B 216 -17.35 -7.72 -11.64
CA GLU B 216 -18.36 -8.65 -12.12
C GLU B 216 -18.34 -8.78 -13.63
N TYR B 217 -18.16 -7.66 -14.34
CA TYR B 217 -18.08 -7.69 -15.80
C TYR B 217 -16.91 -8.54 -16.29
N LEU B 218 -15.74 -8.31 -15.69
CA LEU B 218 -14.55 -9.10 -16.03
C LEU B 218 -14.76 -10.56 -15.67
N SER B 219 -15.45 -10.79 -14.55
CA SER B 219 -15.75 -12.15 -14.12
C SER B 219 -16.65 -12.86 -15.12
N SER B 220 -17.51 -12.11 -15.79
CA SER B 220 -18.43 -12.67 -16.77
C SER B 220 -17.68 -13.10 -18.03
N LEU B 221 -16.48 -12.55 -18.23
CA LEU B 221 -15.68 -12.91 -19.39
C LEU B 221 -14.96 -14.24 -19.20
N GLU B 222 -14.77 -14.97 -20.30
CA GLU B 222 -14.04 -16.23 -20.26
C GLU B 222 -12.54 -15.99 -20.13
N ASP B 223 -11.83 -16.97 -19.56
CA ASP B 223 -10.38 -16.92 -19.51
C ASP B 223 -9.80 -17.39 -20.84
N PHE B 224 -9.09 -16.48 -21.49
CA PHE B 224 -8.45 -16.76 -22.77
C PHE B 224 -7.56 -17.99 -22.69
N ARG B 225 -6.85 -18.13 -21.57
CA ARG B 225 -5.92 -19.24 -21.38
C ARG B 225 -6.60 -20.59 -21.47
N GLU B 226 -7.82 -20.67 -20.95
CA GLU B 226 -8.57 -21.93 -20.95
C GLU B 226 -9.24 -22.19 -22.29
N VAL B 227 -9.71 -21.12 -22.94
CA VAL B 227 -10.36 -21.25 -24.23
C VAL B 227 -9.42 -21.84 -25.28
N TYR B 228 -8.16 -21.43 -25.24
CA TYR B 228 -7.18 -21.89 -26.23
C TYR B 228 -6.12 -22.79 -25.59
N LYS B 229 -6.57 -23.63 -24.67
CA LYS B 229 -5.68 -24.55 -23.96
C LYS B 229 -4.97 -25.53 -24.89
N MET B 230 -5.61 -25.86 -26.02
CA MET B 230 -5.03 -26.78 -26.99
C MET B 230 -3.67 -26.28 -27.51
N LEU B 231 -3.50 -24.96 -27.58
CA LEU B 231 -2.28 -24.35 -28.09
C LEU B 231 -1.08 -24.44 -27.14
N TRP B 232 -1.32 -24.47 -25.84
CA TRP B 232 -0.23 -24.47 -24.87
C TRP B 232 -0.21 -25.64 -23.88
N LYS B 233 -1.37 -25.93 -23.30
CA LYS B 233 -1.53 -26.92 -22.23
C LYS B 233 -0.84 -28.24 -22.55
N LEU C 6 41.71 -2.82 -14.43
CA LEU C 6 41.20 -1.98 -15.51
C LEU C 6 42.22 -1.83 -16.64
N ASP C 7 43.48 -1.58 -16.29
CA ASP C 7 44.52 -1.51 -17.31
C ASP C 7 44.61 -2.82 -18.09
N LYS C 8 44.47 -3.93 -17.38
CA LYS C 8 44.46 -5.24 -18.05
C LYS C 8 43.28 -5.26 -19.01
N LEU C 9 42.12 -4.82 -18.53
CA LEU C 9 40.93 -4.71 -19.37
C LEU C 9 41.16 -3.86 -20.61
N ILE C 10 41.80 -2.71 -20.44
CA ILE C 10 42.00 -1.75 -21.53
C ILE C 10 42.87 -2.29 -22.67
N GLU C 11 43.94 -3.02 -22.31
CA GLU C 11 44.92 -3.54 -23.26
C GLU C 11 44.72 -4.98 -23.75
N THR C 12 43.65 -5.64 -23.32
CA THR C 12 43.36 -6.98 -23.82
C THR C 12 42.20 -6.79 -24.77
N LYS C 13 42.11 -5.55 -25.23
CA LYS C 13 41.01 -5.02 -26.02
C LYS C 13 41.01 -5.52 -27.44
N GLU C 14 42.18 -5.47 -28.09
CA GLU C 14 42.32 -5.91 -29.49
C GLU C 14 42.41 -7.41 -29.49
N LEU C 15 42.64 -7.95 -28.30
CA LEU C 15 42.76 -9.38 -28.09
C LEU C 15 41.45 -9.91 -27.52
N SER C 18 41.21 -14.02 -22.49
CA SER C 18 41.20 -12.57 -22.48
C SER C 18 40.10 -12.00 -21.59
N LEU C 19 40.49 -11.26 -20.56
CA LEU C 19 39.54 -10.55 -19.69
C LEU C 19 38.50 -9.73 -20.45
N TYR C 20 38.95 -9.03 -21.48
CA TYR C 20 38.02 -8.24 -22.28
C TYR C 20 36.93 -9.06 -22.95
N ASN C 21 37.31 -10.16 -23.59
CA ASN C 21 36.32 -10.98 -24.29
C ASN C 21 35.41 -11.73 -23.32
N VAL C 22 35.95 -12.11 -22.16
CA VAL C 22 35.14 -12.74 -21.12
C VAL C 22 34.08 -11.77 -20.59
N LEU C 23 34.52 -10.55 -20.27
CA LEU C 23 33.60 -9.51 -19.79
C LEU C 23 32.55 -9.17 -20.84
N LYS C 24 32.98 -9.00 -22.08
CA LYS C 24 32.06 -8.67 -23.18
C LYS C 24 31.04 -9.76 -23.34
N HIS C 25 31.51 -11.00 -23.40
CA HIS C 25 30.62 -12.14 -23.60
C HIS C 25 29.61 -12.32 -22.48
N ASN C 26 30.08 -12.24 -21.24
CA ASN C 26 29.20 -12.46 -20.10
C ASN C 26 28.18 -11.32 -19.99
N PHE C 27 28.67 -10.08 -20.05
CA PHE C 27 27.81 -8.92 -19.92
C PHE C 27 26.76 -8.93 -21.00
N LEU C 28 27.18 -9.11 -22.26
CA LEU C 28 26.25 -9.07 -23.38
C LEU C 28 25.28 -10.24 -23.30
N TYR C 29 25.74 -11.39 -22.85
CA TYR C 29 24.83 -12.53 -22.72
C TYR C 29 23.68 -12.17 -21.80
N HIS C 30 24.00 -11.68 -20.60
CA HIS C 30 22.91 -11.39 -19.65
C HIS C 30 22.06 -10.18 -20.07
N ALA C 31 22.71 -9.12 -20.53
CA ALA C 31 22.01 -7.90 -20.92
C ALA C 31 21.06 -8.15 -22.09
N ASN C 32 21.54 -8.91 -23.08
CA ASN C 32 20.74 -9.21 -24.26
C ASN C 32 19.63 -10.22 -23.93
N LYS C 33 19.93 -11.17 -23.06
CA LYS C 33 18.92 -12.15 -22.68
C LYS C 33 17.77 -11.49 -21.92
N ILE C 34 18.10 -10.54 -21.06
CA ILE C 34 17.09 -9.79 -20.34
C ILE C 34 16.21 -9.01 -21.33
N ALA C 35 16.83 -8.57 -22.42
CA ALA C 35 16.12 -7.82 -23.45
C ALA C 35 15.36 -8.74 -24.41
N GLY C 36 15.45 -10.05 -24.21
CA GLY C 36 14.66 -10.98 -25.00
C GLY C 36 15.40 -11.81 -26.03
N SER C 37 16.72 -11.67 -26.09
CA SER C 37 17.52 -12.43 -27.05
C SER C 37 17.45 -13.93 -26.79
N THR C 38 17.47 -14.73 -27.85
CA THR C 38 17.41 -16.18 -27.71
C THR C 38 18.76 -16.82 -27.98
N PHE C 39 19.81 -16.01 -28.07
CA PHE C 39 21.16 -16.54 -28.22
C PHE C 39 21.62 -17.27 -26.94
N THR C 40 21.96 -18.54 -27.07
CA THR C 40 22.60 -19.24 -25.97
C THR C 40 24.02 -18.70 -25.79
N THR C 41 24.65 -19.05 -24.67
CA THR C 41 25.98 -18.53 -24.37
C THR C 41 26.98 -19.01 -25.44
N GLU C 42 26.81 -20.25 -25.90
CA GLU C 42 27.66 -20.79 -26.95
C GLU C 42 27.42 -20.06 -28.27
N ALA C 43 26.15 -19.82 -28.60
CA ALA C 43 25.81 -19.17 -29.86
C ALA C 43 26.32 -17.73 -29.90
N LEU C 44 26.23 -17.06 -28.76
CA LEU C 44 26.73 -15.70 -28.66
C LEU C 44 28.25 -15.70 -28.82
N ALA C 45 28.92 -16.67 -28.16
CA ALA C 45 30.36 -16.78 -28.28
C ALA C 45 30.78 -16.98 -29.74
N LEU C 46 30.06 -17.86 -30.43
CA LEU C 46 30.35 -18.17 -31.82
C LEU C 46 30.16 -16.94 -32.69
N LEU C 47 29.12 -16.16 -32.40
CA LEU C 47 28.86 -14.94 -33.15
C LEU C 47 29.98 -13.92 -32.98
N LEU C 48 30.38 -13.71 -31.72
CA LEU C 48 31.41 -12.74 -31.42
C LEU C 48 32.77 -13.13 -31.99
N ASP C 49 33.12 -14.41 -31.88
CA ASP C 49 34.46 -14.83 -32.30
C ASP C 49 34.59 -15.10 -33.80
N LYS C 50 33.58 -15.70 -34.41
CA LYS C 50 33.72 -16.14 -35.80
C LYS C 50 32.69 -15.54 -36.76
N ASN C 51 31.86 -14.63 -36.27
CA ASN C 51 30.84 -14.00 -37.09
C ASN C 51 29.92 -15.02 -37.75
N VAL C 52 29.60 -16.08 -37.01
CA VAL C 52 28.71 -17.12 -37.50
C VAL C 52 27.44 -17.15 -36.65
N VAL C 53 26.30 -17.17 -37.32
CA VAL C 53 25.00 -17.24 -36.67
C VAL C 53 24.51 -18.68 -36.68
N THR C 54 24.11 -19.17 -35.51
CA THR C 54 23.51 -20.50 -35.37
C THR C 54 22.30 -20.44 -34.46
N GLY C 55 21.40 -21.41 -34.61
CA GLY C 55 20.20 -21.47 -33.80
C GLY C 55 19.03 -20.79 -34.48
N ARG C 56 17.91 -20.64 -33.77
CA ARG C 56 16.73 -20.01 -34.32
C ARG C 56 16.53 -18.62 -33.72
N HIS C 57 16.54 -17.59 -34.55
CA HIS C 57 16.44 -16.22 -34.07
C HIS C 57 15.67 -15.33 -35.05
N THR C 58 14.96 -14.34 -34.53
CA THR C 58 14.41 -13.33 -35.42
C THR C 58 15.56 -12.48 -35.95
N LEU C 59 15.35 -11.87 -37.11
CA LEU C 59 16.34 -10.97 -37.69
C LEU C 59 16.71 -9.83 -36.74
N ASP C 60 15.71 -9.32 -36.04
CA ASP C 60 15.94 -8.25 -35.07
C ASP C 60 16.90 -8.71 -33.98
N ASP C 61 16.74 -9.95 -33.51
CA ASP C 61 17.61 -10.49 -32.47
C ASP C 61 19.06 -10.55 -32.96
N VAL C 62 19.25 -11.08 -34.16
CA VAL C 62 20.59 -11.18 -34.76
C VAL C 62 21.24 -9.79 -34.86
N GLN C 63 20.50 -8.87 -35.47
CA GLN C 63 21.02 -7.53 -35.70
C GLN C 63 21.29 -6.81 -34.38
N GLU C 64 20.39 -6.94 -33.42
CA GLU C 64 20.54 -6.25 -32.14
C GLU C 64 21.70 -6.83 -31.34
N THR C 65 21.94 -8.12 -31.47
CA THR C 65 23.08 -8.74 -30.82
C THR C 65 24.38 -8.17 -31.40
N VAL C 66 24.48 -8.18 -32.73
CA VAL C 66 25.65 -7.61 -33.41
C VAL C 66 25.89 -6.15 -33.01
N ASN C 67 24.79 -5.39 -33.01
CA ASN C 67 24.83 -4.00 -32.58
C ASN C 67 25.33 -3.89 -31.16
N SER C 68 24.87 -4.77 -30.28
CA SER C 68 25.27 -4.72 -28.87
C SER C 68 26.76 -4.99 -28.75
N SER C 69 27.30 -5.79 -29.67
CA SER C 69 28.74 -5.97 -29.68
C SER C 69 29.43 -4.65 -29.99
N TYR C 70 28.95 -3.98 -31.03
CA TYR C 70 29.56 -2.69 -31.37
C TYR C 70 29.42 -1.64 -30.26
N VAL C 71 28.24 -1.58 -29.67
CA VAL C 71 27.95 -0.62 -28.61
C VAL C 71 28.82 -0.89 -27.41
N PHE C 72 29.00 -2.16 -27.06
CA PHE C 72 29.90 -2.53 -25.98
C PHE C 72 31.29 -1.98 -26.25
N ASP C 73 31.80 -2.21 -27.46
CA ASP C 73 33.11 -1.69 -27.81
C ASP C 73 33.19 -0.17 -27.66
N THR C 74 32.15 0.54 -28.10
CA THR C 74 32.08 1.99 -27.95
C THR C 74 32.14 2.42 -26.49
N VAL C 75 31.37 1.73 -25.65
CA VAL C 75 31.31 2.05 -24.23
C VAL C 75 32.69 1.89 -23.59
N ILE C 76 33.40 0.83 -23.95
CA ILE C 76 34.75 0.65 -23.42
C ILE C 76 35.67 1.76 -23.95
N ASP C 77 35.47 2.16 -25.20
CA ASP C 77 36.28 3.23 -25.80
C ASP C 77 36.06 4.58 -25.12
N SER C 78 34.90 4.76 -24.48
CA SER C 78 34.57 6.05 -23.91
C SER C 78 34.75 6.08 -22.40
N LEU C 79 35.52 5.14 -21.86
CA LEU C 79 35.79 5.13 -20.43
C LEU C 79 36.52 6.39 -20.00
N LYS C 80 36.09 6.92 -18.86
CA LYS C 80 36.65 8.12 -18.24
C LYS C 80 36.17 9.40 -18.93
N GLU C 81 35.46 9.24 -20.04
CA GLU C 81 34.85 10.35 -20.75
C GLU C 81 33.49 10.66 -20.15
N LYS C 82 33.10 11.92 -20.16
CA LYS C 82 31.87 12.35 -19.51
C LYS C 82 30.64 11.87 -20.28
N ILE C 83 29.67 11.34 -19.55
CA ILE C 83 28.38 10.99 -20.11
C ILE C 83 27.61 12.21 -20.61
N THR C 84 27.33 12.23 -21.91
CA THR C 84 26.55 13.30 -22.49
C THR C 84 25.28 12.78 -23.18
N HIS C 85 24.43 13.72 -23.59
CA HIS C 85 23.18 13.38 -24.27
C HIS C 85 23.43 12.76 -25.63
N ASN C 86 24.33 13.37 -26.38
CA ASN C 86 24.67 12.87 -27.71
C ASN C 86 25.33 11.51 -27.63
N PHE C 87 26.11 11.30 -26.57
CA PHE C 87 26.71 10.00 -26.32
C PHE C 87 25.64 8.92 -26.17
N LEU C 88 24.63 9.20 -25.36
CA LEU C 88 23.52 8.28 -25.15
C LEU C 88 22.72 8.07 -26.44
N ARG C 89 22.53 9.14 -27.21
CA ARG C 89 21.79 9.02 -28.46
C ARG C 89 22.57 8.17 -29.47
N ASN C 90 23.90 8.26 -29.40
CA ASN C 90 24.75 7.47 -30.27
C ASN C 90 24.70 5.99 -29.89
N LEU C 91 24.68 5.72 -28.59
CA LEU C 91 24.49 4.36 -28.11
C LEU C 91 23.15 3.82 -28.61
N HIS C 92 22.11 4.64 -28.49
CA HIS C 92 20.77 4.23 -28.89
C HIS C 92 20.67 3.93 -30.38
N SER C 93 21.19 4.85 -31.19
CA SER C 93 21.22 4.70 -32.63
C SER C 93 21.99 3.47 -33.08
N SER C 94 23.16 3.25 -32.48
CA SER C 94 23.96 2.07 -32.78
C SER C 94 23.21 0.80 -32.38
N LEU C 95 22.51 0.87 -31.27
CA LEU C 95 21.83 -0.30 -30.72
C LEU C 95 20.63 -0.69 -31.58
N ILE C 96 19.92 0.29 -32.13
CA ILE C 96 18.71 -0.03 -32.90
C ILE C 96 18.90 0.02 -34.42
N PHE C 97 20.15 0.23 -34.86
CA PHE C 97 20.47 0.27 -36.29
C PHE C 97 20.00 -0.97 -37.05
N ASN C 98 19.40 -0.76 -38.22
CA ASN C 98 18.97 -1.84 -39.10
C ASN C 98 18.01 -2.83 -38.42
N THR C 99 17.08 -2.31 -37.62
CA THR C 99 16.04 -3.13 -37.02
C THR C 99 14.65 -2.67 -37.47
N THR C 100 13.62 -3.42 -37.06
CA THR C 100 12.25 -3.09 -37.38
C THR C 100 11.81 -1.91 -36.51
N LEU C 101 12.69 -1.52 -35.61
CA LEU C 101 12.44 -0.44 -34.67
C LEU C 101 12.97 0.87 -35.23
N HIS C 102 13.68 0.78 -36.35
CA HIS C 102 14.35 1.92 -36.97
C HIS C 102 13.46 2.99 -37.59
N SER C 103 12.48 2.59 -38.40
CA SER C 103 11.56 3.52 -39.05
C SER C 103 11.00 4.60 -38.11
N ARG C 104 10.36 4.18 -37.03
CA ARG C 104 9.77 5.13 -36.09
C ARG C 104 10.83 5.78 -35.20
N GLU C 131 14.23 15.74 -22.11
CA GLU C 131 15.57 16.31 -22.11
C GLU C 131 16.00 16.95 -20.78
N PRO C 132 15.17 17.84 -20.19
CA PRO C 132 15.65 18.50 -18.95
C PRO C 132 15.93 17.55 -17.79
N LYS C 133 15.06 16.57 -17.59
CA LYS C 133 15.21 15.64 -16.48
C LYS C 133 16.52 14.85 -16.64
N LEU C 134 16.86 14.51 -17.88
CA LEU C 134 18.13 13.84 -18.18
C LEU C 134 19.34 14.74 -17.91
N ASP C 135 19.25 16.03 -18.26
CA ASP C 135 20.37 16.96 -18.07
C ASP C 135 20.64 17.03 -16.59
N GLU C 136 19.54 17.14 -15.86
CA GLU C 136 19.59 17.26 -14.41
C GLU C 136 20.18 16.02 -13.79
N LEU C 137 19.84 14.86 -14.33
CA LEU C 137 20.37 13.61 -13.79
C LEU C 137 21.87 13.55 -14.01
N ILE C 138 22.31 13.91 -15.20
CA ILE C 138 23.73 13.81 -15.54
C ILE C 138 24.58 14.75 -14.69
N GLU C 139 24.14 16.01 -14.60
CA GLU C 139 24.87 16.98 -13.80
C GLU C 139 24.87 16.59 -12.32
N TRP C 140 23.75 16.04 -11.86
CA TRP C 140 23.66 15.57 -10.49
C TRP C 140 24.70 14.47 -10.26
N TYR C 141 24.83 13.57 -11.24
CA TYR C 141 25.79 12.48 -11.15
C TYR C 141 27.23 13.00 -11.05
N TYR C 142 27.58 13.93 -11.92
CA TYR C 142 28.95 14.43 -11.94
C TYR C 142 29.26 15.45 -10.85
N SER C 143 28.26 15.83 -10.08
CA SER C 143 28.52 16.75 -8.96
C SER C 143 29.10 16.07 -7.73
N GLN C 144 28.93 14.76 -7.63
CA GLN C 144 29.37 14.02 -6.44
C GLN C 144 30.89 13.91 -6.33
N SER C 145 31.42 14.18 -5.15
CA SER C 145 32.86 14.09 -4.90
C SER C 145 33.29 12.63 -4.94
N GLU C 146 32.40 11.75 -4.50
CA GLU C 146 32.68 10.32 -4.51
C GLU C 146 31.52 9.54 -5.10
N VAL C 147 31.83 8.74 -6.11
CA VAL C 147 30.83 7.89 -6.76
C VAL C 147 30.71 6.56 -6.04
N SER C 148 29.51 6.26 -5.58
CA SER C 148 29.28 5.01 -4.87
C SER C 148 28.26 4.14 -5.60
N ILE C 149 28.11 2.91 -5.14
CA ILE C 149 27.08 2.02 -5.66
C ILE C 149 25.72 2.67 -5.41
N LYS C 150 25.61 3.43 -4.32
CA LYS C 150 24.38 4.13 -3.99
C LYS C 150 24.07 5.19 -5.05
N VAL C 151 25.11 5.92 -5.45
CA VAL C 151 25.00 6.92 -6.51
C VAL C 151 24.61 6.27 -7.83
N ILE C 152 25.28 5.16 -8.15
CA ILE C 152 25.02 4.46 -9.40
C ILE C 152 23.62 3.87 -9.44
N ALA C 153 23.17 3.35 -8.31
CA ALA C 153 21.82 2.78 -8.17
C ALA C 153 20.77 3.86 -8.37
N GLU C 154 20.97 4.99 -7.69
CA GLU C 154 20.03 6.10 -7.82
C GLU C 154 20.00 6.59 -9.27
N PHE C 155 21.17 6.67 -9.87
CA PHE C 155 21.28 7.05 -11.28
C PHE C 155 20.50 6.09 -12.17
N HIS C 156 20.65 4.80 -11.91
CA HIS C 156 20.01 3.76 -12.70
C HIS C 156 18.50 3.88 -12.62
N TYR C 157 17.99 3.94 -11.40
CA TYR C 157 16.55 4.02 -11.22
C TYR C 157 16.00 5.28 -11.87
N ARG C 158 16.66 6.41 -11.63
CA ARG C 158 16.18 7.67 -12.19
C ARG C 158 16.21 7.65 -13.72
N PHE C 159 17.25 7.08 -14.29
CA PHE C 159 17.36 6.92 -15.73
C PHE C 159 16.18 6.09 -16.27
N GLU C 160 15.88 4.98 -15.61
CA GLU C 160 14.76 4.14 -16.03
C GLU C 160 13.41 4.85 -15.88
N LEU C 161 13.30 5.71 -14.87
CA LEU C 161 12.06 6.45 -14.65
C LEU C 161 11.86 7.54 -15.71
N ILE C 162 12.96 8.19 -16.07
CA ILE C 162 12.96 9.17 -17.13
C ILE C 162 12.63 8.51 -18.47
N HIS C 163 13.22 7.34 -18.72
CA HIS C 163 12.94 6.56 -19.93
C HIS C 163 13.15 7.37 -21.21
N PRO C 164 14.38 7.84 -21.45
CA PRO C 164 14.57 8.80 -22.55
C PRO C 164 14.29 8.24 -23.95
N PHE C 165 14.50 6.95 -24.16
CA PHE C 165 14.33 6.32 -25.47
C PHE C 165 13.11 5.38 -25.50
N GLN C 166 12.51 5.16 -26.66
CA GLN C 166 11.34 4.26 -26.73
C GLN C 166 11.72 2.82 -26.43
N ASP C 167 12.86 2.39 -26.95
CA ASP C 167 13.37 1.03 -26.80
C ASP C 167 14.86 1.05 -26.59
N GLY C 168 15.36 -0.05 -26.03
CA GLY C 168 16.77 -0.17 -25.74
C GLY C 168 17.14 0.64 -24.51
N ASN C 169 16.12 1.15 -23.84
CA ASN C 169 16.34 1.99 -22.66
C ASN C 169 17.03 1.22 -21.54
N GLY C 170 16.55 0.00 -21.30
CA GLY C 170 17.14 -0.88 -20.32
C GLY C 170 18.59 -1.21 -20.60
N ARG C 171 18.86 -1.65 -21.83
CA ARG C 171 20.22 -2.01 -22.21
C ARG C 171 21.16 -0.83 -22.11
N ILE C 172 20.73 0.32 -22.60
CA ILE C 172 21.53 1.53 -22.50
C ILE C 172 21.83 1.85 -21.04
N GLY C 173 20.82 1.71 -20.18
CA GLY C 173 20.99 1.92 -18.75
C GLY C 173 22.03 0.98 -18.14
N ARG C 174 21.99 -0.28 -18.54
CA ARG C 174 22.94 -1.26 -18.00
C ARG C 174 24.36 -1.06 -18.55
N PHE C 175 24.45 -0.61 -19.80
CA PHE C 175 25.72 -0.20 -20.37
C PHE C 175 26.31 0.94 -19.53
N VAL C 176 25.48 1.94 -19.27
CA VAL C 176 25.92 3.12 -18.54
C VAL C 176 26.33 2.76 -17.11
N MET C 177 25.57 1.88 -16.49
CA MET C 177 25.88 1.41 -15.14
C MET C 177 27.24 0.74 -15.13
N LEU C 178 27.47 -0.12 -16.11
CA LEU C 178 28.75 -0.81 -16.23
C LEU C 178 29.89 0.19 -16.40
N LYS C 179 29.69 1.15 -17.28
CA LYS C 179 30.65 2.24 -17.49
C LYS C 179 30.98 2.92 -16.18
N GLN C 180 29.95 3.27 -15.42
CA GLN C 180 30.10 3.97 -14.16
C GLN C 180 30.87 3.15 -13.14
N MET C 181 30.62 1.84 -13.11
CA MET C 181 31.36 0.96 -12.21
C MET C 181 32.84 0.88 -12.61
N LEU C 182 33.09 0.72 -13.91
CA LEU C 182 34.45 0.61 -14.42
C LEU C 182 35.27 1.87 -14.19
N GLU C 183 34.65 3.03 -14.40
CA GLU C 183 35.35 4.30 -14.26
C GLU C 183 35.80 4.58 -12.84
N ASN C 184 35.16 3.94 -11.86
CA ASN C 184 35.43 4.25 -10.47
C ASN C 184 36.05 3.12 -9.65
N ASN C 185 36.60 2.11 -10.35
CA ASN C 185 37.20 0.95 -9.69
C ASN C 185 36.28 0.34 -8.63
N LEU C 186 35.01 0.26 -8.96
CA LEU C 186 34.01 -0.32 -8.08
C LEU C 186 33.81 -1.78 -8.47
N PRO C 187 33.23 -2.59 -7.57
CA PRO C 187 32.90 -3.97 -7.97
C PRO C 187 32.09 -4.02 -9.25
N ILE C 188 32.46 -4.89 -10.17
CA ILE C 188 31.75 -5.01 -11.44
C ILE C 188 30.62 -6.00 -11.27
N LYS C 189 29.41 -5.48 -11.09
CA LYS C 189 28.26 -6.33 -10.88
C LYS C 189 27.36 -6.39 -12.11
N ILE C 190 27.25 -7.59 -12.68
CA ILE C 190 26.47 -7.81 -13.88
C ILE C 190 25.04 -8.19 -13.52
N VAL C 191 24.08 -7.33 -13.87
CA VAL C 191 22.67 -7.66 -13.67
C VAL C 191 22.42 -8.96 -14.43
N SER C 192 22.01 -9.99 -13.71
CA SER C 192 21.97 -11.33 -14.26
C SER C 192 20.55 -11.72 -14.67
N TRP C 193 20.48 -12.58 -15.68
CA TRP C 193 19.21 -13.10 -16.13
C TRP C 193 18.56 -14.02 -15.11
N ASP C 194 19.38 -14.71 -14.33
CA ASP C 194 18.88 -15.53 -13.23
C ASP C 194 18.25 -14.65 -12.16
N SER C 195 18.85 -13.46 -11.99
CA SER C 195 18.46 -12.50 -10.97
C SER C 195 17.02 -11.99 -11.09
N GLU C 196 16.39 -12.18 -12.25
CA GLU C 196 15.01 -11.76 -12.40
C GLU C 196 14.14 -12.89 -11.85
N ASP C 197 13.14 -12.56 -11.04
CA ASP C 197 12.65 -11.19 -10.94
C ASP C 197 13.06 -10.43 -9.67
N LEU C 198 14.26 -10.65 -9.14
CA LEU C 198 14.71 -9.85 -7.99
C LEU C 198 15.08 -8.44 -8.41
N TYR C 199 15.71 -8.33 -9.57
CA TYR C 199 16.11 -7.05 -10.12
C TYR C 199 14.84 -6.22 -10.37
N ARG C 200 13.88 -6.86 -11.03
CA ARG C 200 12.61 -6.21 -11.37
C ARG C 200 11.82 -5.81 -10.12
N ASN C 201 11.77 -6.69 -9.13
CA ASN C 201 11.02 -6.38 -7.92
C ASN C 201 11.69 -5.29 -7.10
N SER C 202 13.02 -5.26 -7.12
CA SER C 202 13.76 -4.20 -6.45
C SER C 202 13.47 -2.87 -7.15
N LEU C 203 13.40 -2.90 -8.48
CA LEU C 203 13.03 -1.71 -9.23
C LEU C 203 11.61 -1.26 -8.87
N ASN C 204 10.70 -2.22 -8.71
CA ASN C 204 9.31 -1.88 -8.42
C ASN C 204 9.10 -1.41 -6.99
N SER C 205 10.01 -1.80 -6.11
CA SER C 205 9.98 -1.35 -4.71
C SER C 205 10.60 0.03 -4.57
N CYS C 206 11.47 0.38 -5.51
CA CYS C 206 12.09 1.70 -5.50
C CYS C 206 11.10 2.79 -5.81
N SER C 207 11.46 4.00 -5.40
CA SER C 207 10.73 5.21 -5.74
C SER C 207 11.74 6.35 -5.77
N LEU C 208 11.35 7.51 -6.30
CA LEU C 208 12.24 8.65 -6.27
C LEU C 208 12.55 9.02 -4.81
N GLY C 209 13.83 8.91 -4.44
CA GLY C 209 14.24 9.19 -3.09
C GLY C 209 14.43 7.93 -2.24
N ASN C 210 14.02 6.80 -2.78
CA ASN C 210 14.20 5.52 -2.08
C ASN C 210 14.72 4.45 -3.03
N TYR C 211 16.02 4.16 -2.91
CA TYR C 211 16.69 3.23 -3.80
C TYR C 211 17.29 2.04 -3.07
N VAL C 212 16.90 1.86 -1.81
CA VAL C 212 17.46 0.79 -0.99
C VAL C 212 17.19 -0.63 -1.54
N PRO C 213 15.99 -0.89 -2.08
CA PRO C 213 15.80 -2.21 -2.69
C PRO C 213 16.79 -2.51 -3.82
N LEU C 214 17.09 -1.50 -4.63
CA LEU C 214 18.03 -1.68 -5.73
C LEU C 214 19.45 -1.86 -5.21
N ILE C 215 19.81 -1.10 -4.19
CA ILE C 215 21.12 -1.20 -3.58
C ILE C 215 21.35 -2.58 -2.98
N GLU C 216 20.33 -3.10 -2.28
CA GLU C 216 20.42 -4.43 -1.70
C GLU C 216 20.51 -5.49 -2.78
N TYR C 217 19.72 -5.31 -3.84
CA TYR C 217 19.78 -6.23 -4.96
C TYR C 217 21.17 -6.28 -5.58
N LEU C 218 21.73 -5.12 -5.88
CA LEU C 218 23.05 -5.07 -6.50
C LEU C 218 24.07 -5.68 -5.57
N SER C 219 23.90 -5.42 -4.28
CA SER C 219 24.79 -5.95 -3.27
C SER C 219 24.73 -7.47 -3.24
N SER C 220 23.57 -8.03 -3.57
CA SER C 220 23.40 -9.48 -3.56
C SER C 220 24.16 -10.12 -4.71
N LEU C 221 24.44 -9.34 -5.75
CA LEU C 221 25.14 -9.84 -6.93
C LEU C 221 26.63 -10.01 -6.65
N GLU C 222 27.21 -11.04 -7.25
CA GLU C 222 28.64 -11.29 -7.12
C GLU C 222 29.46 -10.29 -7.92
N ASP C 223 30.68 -10.04 -7.46
CA ASP C 223 31.62 -9.19 -8.18
C ASP C 223 32.34 -9.96 -9.29
N PHE C 224 32.19 -9.48 -10.52
CA PHE C 224 32.84 -10.08 -11.68
C PHE C 224 34.35 -10.22 -11.49
N ARG C 225 34.96 -9.20 -10.89
CA ARG C 225 36.40 -9.13 -10.72
C ARG C 225 36.99 -10.29 -9.91
N GLU C 226 36.28 -10.77 -8.90
CA GLU C 226 36.81 -11.84 -8.07
C GLU C 226 36.66 -13.20 -8.75
N VAL C 227 35.55 -13.39 -9.46
CA VAL C 227 35.31 -14.64 -10.18
C VAL C 227 36.36 -14.86 -11.26
N TYR C 228 36.73 -13.80 -11.95
CA TYR C 228 37.71 -13.92 -13.03
C TYR C 228 39.00 -13.20 -12.65
N LYS C 229 39.32 -13.21 -11.36
CA LYS C 229 40.55 -12.61 -10.86
C LYS C 229 41.77 -13.36 -11.38
N MET C 230 41.58 -14.65 -11.65
CA MET C 230 42.64 -15.51 -12.18
C MET C 230 43.15 -14.97 -13.50
N LEU C 231 42.26 -14.33 -14.26
CA LEU C 231 42.61 -13.76 -15.55
C LEU C 231 43.44 -12.49 -15.39
N SER D 4 -24.53 35.86 15.13
CA SER D 4 -25.58 36.03 16.13
C SER D 4 -26.08 34.67 16.59
N PHE D 5 -25.79 33.63 15.80
CA PHE D 5 -26.14 32.27 16.18
C PHE D 5 -25.44 31.92 17.49
N LEU D 6 -24.17 32.30 17.61
CA LEU D 6 -23.40 31.97 18.79
C LEU D 6 -23.99 32.65 20.03
N ASP D 7 -24.29 33.94 19.91
CA ASP D 7 -24.95 34.67 21.00
C ASP D 7 -26.35 34.15 21.33
N LYS D 8 -27.12 33.75 20.33
CA LYS D 8 -28.44 33.17 20.59
C LYS D 8 -28.26 31.91 21.44
N LEU D 9 -27.29 31.10 21.04
CA LEU D 9 -26.88 29.91 21.78
C LEU D 9 -26.55 30.30 23.22
N ILE D 10 -25.79 31.39 23.37
CA ILE D 10 -25.35 31.86 24.68
C ILE D 10 -26.52 32.32 25.55
N GLU D 11 -27.52 32.94 24.93
CA GLU D 11 -28.61 33.53 25.69
C GLU D 11 -29.74 32.52 25.86
N THR D 12 -29.55 31.32 25.35
CA THR D 12 -30.52 30.26 25.62
C THR D 12 -29.96 29.15 26.51
N LYS D 13 -28.89 29.43 27.24
CA LYS D 13 -28.17 28.41 27.99
C LYS D 13 -28.94 27.88 29.19
N GLU D 14 -29.45 28.79 30.01
CA GLU D 14 -30.17 28.44 31.23
C GLU D 14 -31.63 28.07 30.95
N LEU D 15 -32.05 28.23 29.71
CA LEU D 15 -33.42 27.96 29.33
C LEU D 15 -33.55 26.55 28.77
N LYS D 16 -34.62 25.85 29.18
CA LYS D 16 -34.97 24.56 28.63
C LYS D 16 -35.76 24.67 27.31
N ASN D 17 -35.64 23.63 26.48
CA ASN D 17 -36.31 23.56 25.18
C ASN D 17 -35.80 24.69 24.28
N SER D 18 -34.53 24.99 24.45
CA SER D 18 -33.86 26.09 23.77
C SER D 18 -32.86 25.60 22.74
N LEU D 19 -32.48 26.48 21.82
CA LEU D 19 -31.42 26.18 20.84
C LEU D 19 -30.21 25.50 21.48
N TYR D 20 -29.85 25.97 22.66
CA TYR D 20 -28.73 25.40 23.40
C TYR D 20 -28.96 23.93 23.69
N ASN D 21 -30.15 23.59 24.16
CA ASN D 21 -30.47 22.21 24.52
C ASN D 21 -30.60 21.31 23.30
N VAL D 22 -31.12 21.86 22.21
CA VAL D 22 -31.21 21.12 20.96
C VAL D 22 -29.80 20.78 20.46
N LEU D 23 -28.92 21.78 20.47
CA LEU D 23 -27.54 21.56 20.07
C LEU D 23 -26.86 20.55 20.97
N LYS D 24 -27.02 20.73 22.28
CA LYS D 24 -26.39 19.85 23.26
C LYS D 24 -26.85 18.42 23.11
N HIS D 25 -28.15 18.21 23.05
CA HIS D 25 -28.72 16.88 22.97
C HIS D 25 -28.30 16.20 21.68
N ASN D 26 -28.35 16.93 20.59
CA ASN D 26 -28.02 16.35 19.30
C ASN D 26 -26.54 15.96 19.22
N PHE D 27 -25.67 16.92 19.57
CA PHE D 27 -24.23 16.70 19.54
C PHE D 27 -23.84 15.54 20.46
N LEU D 28 -24.32 15.59 21.71
CA LEU D 28 -23.95 14.57 22.68
C LEU D 28 -24.50 13.20 22.28
N TYR D 29 -25.70 13.18 21.70
CA TYR D 29 -26.25 11.90 21.27
C TYR D 29 -25.31 11.24 20.27
N HIS D 30 -24.92 11.98 19.23
CA HIS D 30 -24.08 11.36 18.22
C HIS D 30 -22.68 11.04 18.72
N ALA D 31 -22.09 12.00 19.43
CA ALA D 31 -20.73 11.85 19.92
C ALA D 31 -20.61 10.68 20.89
N ASN D 32 -21.58 10.56 21.79
CA ASN D 32 -21.57 9.50 22.79
C ASN D 32 -21.88 8.16 22.14
N LYS D 33 -22.77 8.17 21.16
CA LYS D 33 -23.10 6.91 20.47
C LYS D 33 -21.91 6.37 19.71
N ILE D 34 -21.12 7.26 19.12
CA ILE D 34 -19.90 6.86 18.43
C ILE D 34 -18.91 6.25 19.42
N ALA D 35 -18.91 6.77 20.64
CA ALA D 35 -18.01 6.29 21.70
C ALA D 35 -18.53 5.02 22.38
N GLY D 36 -19.70 4.54 21.95
CA GLY D 36 -20.21 3.26 22.41
C GLY D 36 -21.38 3.30 23.38
N SER D 37 -21.87 4.50 23.68
CA SER D 37 -23.01 4.66 24.59
C SER D 37 -24.28 4.02 24.02
N THR D 38 -25.12 3.47 24.90
CA THR D 38 -26.35 2.84 24.45
C THR D 38 -27.60 3.66 24.78
N PHE D 39 -27.42 4.92 25.19
CA PHE D 39 -28.55 5.80 25.39
C PHE D 39 -29.25 6.12 24.07
N THR D 40 -30.55 5.81 24.01
CA THR D 40 -31.38 6.25 22.89
C THR D 40 -31.63 7.74 23.00
N THR D 41 -32.22 8.30 21.96
CA THR D 41 -32.49 9.73 21.87
C THR D 41 -33.41 10.18 23.00
N GLU D 42 -34.42 9.36 23.26
CA GLU D 42 -35.39 9.63 24.31
C GLU D 42 -34.75 9.56 25.68
N ALA D 43 -33.94 8.52 25.90
CA ALA D 43 -33.29 8.34 27.19
C ALA D 43 -32.30 9.45 27.50
N LEU D 44 -31.58 9.90 26.47
CA LEU D 44 -30.62 10.98 26.68
C LEU D 44 -31.36 12.28 27.00
N ALA D 45 -32.43 12.54 26.26
CA ALA D 45 -33.22 13.73 26.55
C ALA D 45 -33.75 13.67 27.99
N LEU D 46 -34.23 12.50 28.40
CA LEU D 46 -34.78 12.33 29.74
C LEU D 46 -33.72 12.53 30.83
N LEU D 47 -32.52 12.04 30.59
CA LEU D 47 -31.42 12.20 31.53
C LEU D 47 -31.02 13.66 31.68
N LEU D 48 -30.86 14.35 30.54
CA LEU D 48 -30.44 15.75 30.53
C LEU D 48 -31.48 16.67 31.14
N ASP D 49 -32.75 16.40 30.86
CA ASP D 49 -33.84 17.28 31.29
C ASP D 49 -34.33 17.01 32.71
N LYS D 50 -34.41 15.74 33.11
CA LYS D 50 -35.00 15.42 34.41
C LYS D 50 -34.09 14.61 35.34
N ASN D 51 -32.85 14.38 34.93
CA ASN D 51 -31.91 13.60 35.73
C ASN D 51 -32.46 12.21 36.07
N VAL D 52 -33.13 11.62 35.08
CA VAL D 52 -33.69 10.29 35.22
C VAL D 52 -32.99 9.32 34.26
N VAL D 53 -32.60 8.17 34.77
CA VAL D 53 -31.96 7.14 33.97
C VAL D 53 -32.99 6.08 33.58
N THR D 54 -33.06 5.76 32.29
CA THR D 54 -33.93 4.68 31.81
C THR D 54 -33.20 3.82 30.81
N GLY D 55 -33.66 2.57 30.66
CA GLY D 55 -33.05 1.64 29.74
C GLY D 55 -32.00 0.80 30.43
N ARG D 56 -31.29 0.01 29.64
CA ARG D 56 -30.27 -0.87 30.19
C ARG D 56 -28.90 -0.31 29.83
N HIS D 57 -28.10 0.01 30.84
CA HIS D 57 -26.80 0.63 30.62
C HIS D 57 -25.80 0.16 31.66
N THR D 58 -24.54 0.10 31.28
CA THR D 58 -23.46 -0.10 32.23
C THR D 58 -23.32 1.17 33.08
N LEU D 59 -22.76 1.01 34.27
CA LEU D 59 -22.47 2.14 35.14
C LEU D 59 -21.55 3.16 34.47
N ASP D 60 -20.56 2.66 33.74
CA ASP D 60 -19.64 3.52 33.02
C ASP D 60 -20.39 4.34 31.99
N ASP D 61 -21.36 3.73 31.30
CA ASP D 61 -22.11 4.45 30.29
C ASP D 61 -22.88 5.61 30.93
N VAL D 62 -23.55 5.33 32.04
CA VAL D 62 -24.31 6.36 32.74
C VAL D 62 -23.42 7.53 33.15
N GLN D 63 -22.32 7.20 33.83
CA GLN D 63 -21.42 8.22 34.34
C GLN D 63 -20.76 9.00 33.19
N GLU D 64 -20.41 8.33 32.11
CA GLU D 64 -19.76 9.00 30.98
C GLU D 64 -20.73 9.92 30.28
N THR D 65 -22.00 9.55 30.24
CA THR D 65 -23.00 10.42 29.64
C THR D 65 -23.18 11.70 30.48
N VAL D 66 -23.35 11.51 31.80
CA VAL D 66 -23.45 12.64 32.73
C VAL D 66 -22.24 13.57 32.58
N ASN D 67 -21.06 12.95 32.55
CA ASN D 67 -19.81 13.66 32.37
C ASN D 67 -19.80 14.44 31.05
N SER D 68 -20.30 13.83 29.99
CA SER D 68 -20.29 14.48 28.69
C SER D 68 -21.17 15.71 28.73
N SER D 69 -22.22 15.66 29.53
CA SER D 69 -23.08 16.84 29.70
C SER D 69 -22.29 17.97 30.35
N TYR D 70 -21.59 17.64 31.44
CA TYR D 70 -20.77 18.66 32.09
C TYR D 70 -19.69 19.24 31.15
N VAL D 71 -19.03 18.36 30.40
CA VAL D 71 -17.98 18.78 29.49
C VAL D 71 -18.52 19.69 28.40
N PHE D 72 -19.68 19.35 27.86
CA PHE D 72 -20.33 20.21 26.88
C PHE D 72 -20.52 21.61 27.45
N ASP D 73 -21.10 21.67 28.66
CA ASP D 73 -21.31 22.98 29.31
C ASP D 73 -20.00 23.74 29.48
N THR D 74 -18.94 23.03 29.88
CA THR D 74 -17.62 23.62 30.06
C THR D 74 -17.10 24.22 28.76
N VAL D 75 -17.24 23.48 27.67
CA VAL D 75 -16.79 23.92 26.36
C VAL D 75 -17.52 25.17 25.90
N ILE D 76 -18.84 25.19 26.10
CA ILE D 76 -19.59 26.39 25.70
C ILE D 76 -19.19 27.59 26.55
N ASP D 77 -18.94 27.36 27.84
CA ASP D 77 -18.53 28.45 28.72
C ASP D 77 -17.15 28.99 28.34
N SER D 78 -16.34 28.15 27.69
CA SER D 78 -14.96 28.52 27.42
C SER D 78 -14.76 28.96 25.98
N LEU D 79 -15.86 29.30 25.30
CA LEU D 79 -15.75 29.78 23.93
C LEU D 79 -14.91 31.04 23.88
N LYS D 80 -14.03 31.09 22.88
CA LYS D 80 -13.08 32.18 22.63
C LYS D 80 -11.87 32.13 23.57
N GLU D 81 -11.88 31.20 24.53
CA GLU D 81 -10.72 31.00 25.37
C GLU D 81 -9.74 30.10 24.64
N LYS D 82 -8.46 30.31 24.85
CA LYS D 82 -7.46 29.55 24.11
C LYS D 82 -7.34 28.11 24.58
N ILE D 83 -7.27 27.20 23.61
CA ILE D 83 -6.97 25.81 23.88
C ILE D 83 -5.56 25.72 24.45
N THR D 84 -5.45 25.24 25.68
CA THR D 84 -4.16 25.02 26.30
C THR D 84 -4.11 23.53 26.65
N HIS D 85 -2.95 23.05 27.06
CA HIS D 85 -2.84 21.65 27.40
C HIS D 85 -3.68 21.32 28.63
N ASN D 86 -3.65 22.23 29.61
CA ASN D 86 -4.40 22.06 30.84
C ASN D 86 -5.90 22.07 30.61
N PHE D 87 -6.35 22.86 29.64
CA PHE D 87 -7.75 22.87 29.25
C PHE D 87 -8.18 21.46 28.78
N LEU D 88 -7.38 20.87 27.91
CA LEU D 88 -7.66 19.55 27.39
C LEU D 88 -7.58 18.47 28.47
N ARG D 89 -6.59 18.58 29.36
CA ARG D 89 -6.44 17.56 30.39
C ARG D 89 -7.61 17.64 31.37
N ASN D 90 -8.10 18.87 31.59
CA ASN D 90 -9.27 19.05 32.46
C ASN D 90 -10.53 18.51 31.82
N LEU D 91 -10.67 18.70 30.51
CA LEU D 91 -11.78 18.09 29.79
C LEU D 91 -11.72 16.57 29.97
N HIS D 92 -10.53 16.02 29.82
CA HIS D 92 -10.30 14.59 29.96
C HIS D 92 -10.67 14.09 31.36
N SER D 93 -10.20 14.81 32.38
CA SER D 93 -10.52 14.47 33.75
C SER D 93 -12.02 14.45 34.01
N SER D 94 -12.70 15.51 33.57
CA SER D 94 -14.14 15.59 33.74
C SER D 94 -14.84 14.44 33.01
N LEU D 95 -14.30 14.11 31.85
CA LEU D 95 -14.90 13.13 30.97
C LEU D 95 -14.81 11.72 31.55
N ILE D 96 -13.69 11.41 32.21
CA ILE D 96 -13.47 10.07 32.75
C ILE D 96 -13.72 9.96 34.25
N PHE D 97 -14.18 11.05 34.86
CA PHE D 97 -14.47 11.09 36.28
C PHE D 97 -15.41 9.97 36.72
N ASN D 98 -15.06 9.31 37.83
CA ASN D 98 -15.89 8.28 38.43
C ASN D 98 -16.20 7.13 37.46
N THR D 99 -15.23 6.75 36.64
CA THR D 99 -15.39 5.61 35.75
C THR D 99 -14.37 4.54 36.07
N THR D 100 -14.47 3.40 35.39
CA THR D 100 -13.56 2.28 35.62
C THR D 100 -12.18 2.44 34.99
N LEU D 101 -11.82 3.68 34.66
CA LEU D 101 -10.52 3.97 34.06
C LEU D 101 -9.78 4.90 35.01
N HIS D 102 -10.51 5.35 36.02
CA HIS D 102 -10.00 6.30 37.00
C HIS D 102 -8.95 5.62 37.88
N SER D 103 -7.90 5.11 37.25
CA SER D 103 -6.77 4.48 37.92
C SER D 103 -5.56 4.39 37.00
N GLU D 131 3.12 14.95 23.82
CA GLU D 131 3.07 16.22 24.54
C GLU D 131 3.75 17.37 23.78
N PRO D 132 4.99 17.19 23.29
CA PRO D 132 5.61 18.31 22.57
C PRO D 132 4.85 18.62 21.29
N LYS D 133 4.50 17.57 20.56
CA LYS D 133 3.77 17.70 19.30
C LYS D 133 2.39 18.32 19.53
N LEU D 134 1.78 18.06 20.68
CA LEU D 134 0.50 18.70 20.98
C LEU D 134 0.63 20.21 21.13
N ASP D 135 1.68 20.66 21.84
CA ASP D 135 1.90 22.09 22.00
C ASP D 135 2.23 22.71 20.65
N GLU D 136 3.01 21.98 19.85
CA GLU D 136 3.35 22.44 18.51
C GLU D 136 2.08 22.55 17.64
N LEU D 137 1.14 21.62 17.82
CA LEU D 137 -0.14 21.63 17.12
C LEU D 137 -0.98 22.83 17.53
N ILE D 138 -1.01 23.11 18.82
CA ILE D 138 -1.79 24.24 19.34
C ILE D 138 -1.21 25.57 18.85
N GLU D 139 0.11 25.70 18.96
CA GLU D 139 0.82 26.89 18.52
C GLU D 139 0.65 27.08 17.02
N TRP D 140 0.64 25.97 16.30
CA TRP D 140 0.38 25.99 14.85
C TRP D 140 -1.02 26.51 14.58
N TYR D 141 -1.97 26.02 15.36
CA TYR D 141 -3.38 26.37 15.17
C TYR D 141 -3.58 27.86 15.36
N TYR D 142 -2.97 28.40 16.41
CA TYR D 142 -3.12 29.82 16.71
C TYR D 142 -2.18 30.69 15.87
N SER D 143 -1.33 30.06 15.07
CA SER D 143 -0.48 30.78 14.13
C SER D 143 -1.23 31.12 12.84
N GLN D 144 -2.34 30.43 12.61
CA GLN D 144 -3.14 30.62 11.39
C GLN D 144 -3.79 32.00 11.37
N SER D 145 -3.72 32.64 10.21
CA SER D 145 -4.29 33.97 10.07
C SER D 145 -5.81 33.93 10.15
N GLU D 146 -6.42 32.92 9.50
CA GLU D 146 -7.88 32.76 9.55
C GLU D 146 -8.32 31.29 9.66
N VAL D 147 -9.23 31.01 10.58
CA VAL D 147 -9.74 29.66 10.77
C VAL D 147 -10.91 29.29 9.83
N SER D 148 -10.67 28.23 9.06
CA SER D 148 -11.57 27.66 8.04
C SER D 148 -11.97 26.23 8.42
N ILE D 149 -12.82 25.62 7.61
CA ILE D 149 -13.12 24.19 7.81
C ILE D 149 -11.84 23.33 7.63
N LYS D 150 -10.94 23.77 6.75
CA LYS D 150 -9.69 23.03 6.47
C LYS D 150 -8.68 22.97 7.61
N VAL D 151 -8.45 24.09 8.29
CA VAL D 151 -7.52 24.09 9.42
C VAL D 151 -8.09 23.18 10.49
N ILE D 152 -9.40 23.29 10.72
CA ILE D 152 -10.03 22.44 11.74
C ILE D 152 -9.89 20.98 11.36
N ALA D 153 -10.03 20.66 10.06
CA ALA D 153 -9.86 19.27 9.63
C ALA D 153 -8.43 18.78 9.90
N GLU D 154 -7.45 19.61 9.55
CA GLU D 154 -6.07 19.22 9.79
C GLU D 154 -5.78 19.06 11.28
N PHE D 155 -6.27 20.00 12.07
CA PHE D 155 -6.12 19.99 13.50
C PHE D 155 -6.69 18.70 14.06
N HIS D 156 -7.86 18.31 13.57
CA HIS D 156 -8.53 17.11 14.04
C HIS D 156 -7.69 15.88 13.75
N TYR D 157 -7.28 15.73 12.50
CA TYR D 157 -6.51 14.55 12.13
C TYR D 157 -5.22 14.45 12.95
N ARG D 158 -4.51 15.56 13.05
CA ARG D 158 -3.25 15.57 13.77
C ARG D 158 -3.45 15.28 15.25
N PHE D 159 -4.51 15.83 15.83
CA PHE D 159 -4.88 15.57 17.22
C PHE D 159 -5.13 14.09 17.46
N GLU D 160 -5.89 13.48 16.56
CA GLU D 160 -6.21 12.06 16.69
C GLU D 160 -4.96 11.22 16.51
N LEU D 161 -4.02 11.69 15.69
CA LEU D 161 -2.76 10.98 15.48
C LEU D 161 -1.83 11.08 16.70
N ILE D 162 -1.79 12.25 17.33
CA ILE D 162 -1.02 12.43 18.55
C ILE D 162 -1.62 11.57 19.66
N HIS D 163 -2.94 11.58 19.75
CA HIS D 163 -3.69 10.74 20.70
C HIS D 163 -3.17 10.95 22.12
N PRO D 164 -3.29 12.20 22.63
CA PRO D 164 -2.64 12.55 23.90
C PRO D 164 -3.20 11.77 25.08
N PHE D 165 -4.47 11.40 25.00
CA PHE D 165 -5.13 10.69 26.08
C PHE D 165 -5.39 9.23 25.65
N GLN D 166 -5.36 8.31 26.60
CA GLN D 166 -5.54 6.88 26.30
C GLN D 166 -6.96 6.55 25.88
N ASP D 167 -7.93 7.22 26.49
CA ASP D 167 -9.33 7.02 26.11
C ASP D 167 -10.07 8.35 26.23
N GLY D 168 -11.22 8.43 25.58
CA GLY D 168 -12.00 9.65 25.53
C GLY D 168 -11.37 10.61 24.55
N ASN D 169 -10.38 10.12 23.81
CA ASN D 169 -9.65 10.95 22.86
C ASN D 169 -10.54 11.45 21.73
N GLY D 170 -11.35 10.54 21.19
CA GLY D 170 -12.29 10.87 20.13
C GLY D 170 -13.27 11.93 20.56
N ARG D 171 -13.90 11.74 21.71
CA ARG D 171 -14.87 12.71 22.18
C ARG D 171 -14.22 14.06 22.44
N ILE D 172 -13.05 14.07 23.07
CA ILE D 172 -12.36 15.33 23.32
C ILE D 172 -12.07 16.04 22.00
N GLY D 173 -11.60 15.28 21.01
CA GLY D 173 -11.33 15.84 19.70
C GLY D 173 -12.56 16.45 19.06
N ARG D 174 -13.69 15.76 19.16
CA ARG D 174 -14.92 16.29 18.58
C ARG D 174 -15.45 17.50 19.35
N PHE D 175 -15.25 17.51 20.66
CA PHE D 175 -15.56 18.68 21.48
C PHE D 175 -14.75 19.88 20.99
N VAL D 176 -13.45 19.65 20.76
CA VAL D 176 -12.53 20.69 20.32
C VAL D 176 -12.95 21.21 18.95
N MET D 177 -13.38 20.29 18.10
CA MET D 177 -13.89 20.64 16.78
C MET D 177 -15.11 21.54 16.90
N LEU D 178 -16.03 21.18 17.79
CA LEU D 178 -17.23 21.97 18.02
C LEU D 178 -16.89 23.39 18.50
N LYS D 179 -15.98 23.46 19.47
CA LYS D 179 -15.45 24.72 19.97
C LYS D 179 -14.90 25.58 18.83
N GLN D 180 -14.09 24.95 17.98
CA GLN D 180 -13.45 25.64 16.87
C GLN D 180 -14.45 26.15 15.83
N MET D 181 -15.47 25.36 15.53
CA MET D 181 -16.51 25.79 14.60
C MET D 181 -17.32 26.96 15.17
N LEU D 182 -17.71 26.84 16.43
CA LEU D 182 -18.52 27.86 17.08
C LEU D 182 -17.78 29.19 17.23
N GLU D 183 -16.51 29.12 17.63
CA GLU D 183 -15.72 30.32 17.91
C GLU D 183 -15.45 31.16 16.67
N ASN D 184 -15.54 30.53 15.50
CA ASN D 184 -15.17 31.20 14.28
C ASN D 184 -16.37 31.40 13.37
N ASN D 185 -17.56 31.27 13.94
CA ASN D 185 -18.81 31.45 13.20
C ASN D 185 -18.80 30.64 11.90
N LEU D 186 -18.28 29.41 11.98
CA LEU D 186 -18.22 28.52 10.83
C LEU D 186 -19.44 27.60 10.86
N PRO D 187 -19.77 26.99 9.70
CA PRO D 187 -20.86 26.01 9.65
C PRO D 187 -20.67 24.91 10.69
N ILE D 188 -21.74 24.60 11.41
CA ILE D 188 -21.69 23.60 12.45
C ILE D 188 -22.02 22.21 11.90
N LYS D 189 -20.98 21.40 11.70
CA LYS D 189 -21.17 20.07 11.17
C LYS D 189 -21.05 19.03 12.28
N ILE D 190 -22.14 18.34 12.56
CA ILE D 190 -22.14 17.35 13.63
C ILE D 190 -21.79 15.98 13.07
N VAL D 191 -20.64 15.45 13.46
CA VAL D 191 -20.29 14.09 13.07
C VAL D 191 -21.38 13.19 13.62
N SER D 192 -22.07 12.49 12.73
CA SER D 192 -23.24 11.72 13.12
C SER D 192 -22.89 10.24 13.16
N TRP D 193 -23.58 9.49 14.01
CA TRP D 193 -23.34 8.07 14.14
C TRP D 193 -23.72 7.26 12.91
N ASP D 194 -24.84 7.59 12.26
CA ASP D 194 -25.21 6.94 10.99
C ASP D 194 -24.08 7.09 9.99
N SER D 195 -23.44 8.25 10.01
CA SER D 195 -22.33 8.56 9.14
C SER D 195 -21.13 7.63 9.35
N GLU D 196 -21.10 6.93 10.49
CA GLU D 196 -19.98 6.03 10.73
C GLU D 196 -20.31 4.69 10.08
N ASP D 197 -19.38 4.16 9.28
CA ASP D 197 -18.01 4.67 9.26
C ASP D 197 -17.57 5.45 8.01
N LEU D 198 -18.40 6.34 7.50
CA LEU D 198 -17.96 7.22 6.41
C LEU D 198 -16.94 8.18 7.01
N TYR D 199 -17.23 8.59 8.24
CA TYR D 199 -16.35 9.44 9.02
C TYR D 199 -15.01 8.79 9.27
N ARG D 200 -15.04 7.56 9.77
CA ARG D 200 -13.82 6.83 10.08
C ARG D 200 -13.00 6.59 8.82
N ASN D 201 -13.65 6.17 7.75
CA ASN D 201 -12.93 5.84 6.51
C ASN D 201 -12.32 7.09 5.91
N SER D 202 -13.03 8.21 6.06
CA SER D 202 -12.51 9.49 5.61
C SER D 202 -11.30 9.82 6.44
N LEU D 203 -11.34 9.47 7.72
CA LEU D 203 -10.21 9.70 8.61
C LEU D 203 -8.93 8.89 8.27
N ASN D 204 -9.01 7.58 8.05
CA ASN D 204 -7.75 6.89 7.69
C ASN D 204 -7.39 7.04 6.20
N SER D 205 -8.31 7.53 5.38
CA SER D 205 -7.96 7.80 3.98
C SER D 205 -7.05 9.01 3.97
N CYS D 206 -7.15 9.81 5.04
CA CYS D 206 -6.30 10.96 5.24
C CYS D 206 -4.86 10.52 5.56
N SER D 207 -3.92 11.43 5.37
CA SER D 207 -2.55 11.23 5.82
C SER D 207 -2.00 12.60 6.20
N LEU D 208 -0.86 12.63 6.89
CA LEU D 208 -0.23 13.90 7.23
C LEU D 208 0.06 14.68 5.95
N GLY D 209 -0.59 15.84 5.82
CA GLY D 209 -0.46 16.65 4.63
C GLY D 209 -1.61 16.49 3.65
N ASN D 210 -2.47 15.50 3.91
CA ASN D 210 -3.64 15.28 3.05
C ASN D 210 -4.92 15.03 3.86
N TYR D 211 -5.77 16.04 3.94
CA TYR D 211 -6.97 15.95 4.77
C TYR D 211 -8.30 16.15 4.02
N VAL D 212 -8.27 16.13 2.70
CA VAL D 212 -9.48 16.38 1.90
C VAL D 212 -10.63 15.35 2.08
N PRO D 213 -10.34 14.04 2.25
CA PRO D 213 -11.47 13.13 2.48
C PRO D 213 -12.32 13.54 3.69
N LEU D 214 -11.64 14.02 4.73
CA LEU D 214 -12.31 14.48 5.93
C LEU D 214 -13.10 15.74 5.64
N ILE D 215 -12.53 16.62 4.82
CA ILE D 215 -13.21 17.85 4.44
C ILE D 215 -14.49 17.60 3.66
N GLU D 216 -14.41 16.67 2.72
CA GLU D 216 -15.55 16.31 1.89
C GLU D 216 -16.61 15.66 2.76
N TYR D 217 -16.13 14.84 3.69
CA TYR D 217 -17.04 14.24 4.65
C TYR D 217 -17.79 15.28 5.45
N LEU D 218 -17.07 16.26 5.98
CA LEU D 218 -17.68 17.30 6.80
C LEU D 218 -18.68 18.09 5.96
N SER D 219 -18.31 18.31 4.69
CA SER D 219 -19.15 19.01 3.72
C SER D 219 -20.44 18.26 3.40
N SER D 220 -20.40 16.94 3.48
CA SER D 220 -21.58 16.14 3.18
C SER D 220 -22.63 16.22 4.28
N LEU D 221 -22.21 16.59 5.49
CA LEU D 221 -23.12 16.71 6.63
C LEU D 221 -23.93 17.98 6.52
N GLU D 222 -25.15 17.96 7.04
CA GLU D 222 -25.97 19.16 7.04
C GLU D 222 -25.41 20.14 8.06
N ASP D 223 -25.61 21.43 7.80
CA ASP D 223 -25.21 22.45 8.75
C ASP D 223 -26.31 22.56 9.81
N PHE D 224 -25.96 22.29 11.06
CA PHE D 224 -26.92 22.32 12.16
C PHE D 224 -27.68 23.64 12.22
N ARG D 225 -26.98 24.74 11.95
CA ARG D 225 -27.57 26.07 12.03
C ARG D 225 -28.74 26.23 11.08
N GLU D 226 -28.63 25.61 9.90
CA GLU D 226 -29.67 25.73 8.89
C GLU D 226 -30.85 24.80 9.17
N VAL D 227 -30.55 23.62 9.68
CA VAL D 227 -31.59 22.65 10.00
C VAL D 227 -32.54 23.21 11.07
N TYR D 228 -31.97 23.90 12.06
CA TYR D 228 -32.74 24.42 13.17
C TYR D 228 -32.78 25.95 13.19
N LYS D 229 -32.86 26.57 12.01
CA LYS D 229 -32.89 28.03 11.94
C LYS D 229 -34.11 28.62 12.63
N MET D 230 -35.17 27.82 12.76
CA MET D 230 -36.39 28.24 13.43
C MET D 230 -36.11 28.70 14.87
N LEU D 231 -35.07 28.11 15.46
CA LEU D 231 -34.71 28.43 16.84
C LEU D 231 -34.04 29.80 16.95
N TRP D 232 -33.35 30.23 15.90
CA TRP D 232 -32.67 31.52 15.92
C TRP D 232 -33.07 32.40 14.74
#